data_3O3P
#
_entry.id   3O3P
#
_cell.length_a   108.370
_cell.length_b   108.370
_cell.length_c   311.960
_cell.angle_alpha   90.00
_cell.angle_beta   90.00
_cell.angle_gamma   120.00
#
_symmetry.space_group_name_H-M   'P 65 2 2'
#
loop_
_entity.id
_entity.type
_entity.pdbx_description
1 polymer 'Mannosyl-3-phosphoglycerate synthase'
2 non-polymer 'CHLORIDE ION'
3 non-polymer 'MAGNESIUM ION'
4 non-polymer "GUANOSINE-5'-DIPHOSPHATE-ALPHA-D-MANNOSE"
5 non-polymer "GUANOSINE-5'-DIPHOSPHATE"
6 water water
#
_entity_poly.entity_id   1
_entity_poly.type   'polypeptide(L)'
_entity_poly.pdbx_seq_one_letter_code
;MHHHHHHSSGLVPRGSGMKETAAAKFERQHMDSPDLGTDDDDKAMADIGSEFMSTYHERPLGPASAAEWFRQRSYDYGQF
PPEDLARRKRELGLTVSAVLPSRNVADTVGGIIDEIHALNERAPLIDQILVVDADSEDGTAGVAASHGAEVYSENELMSG
YGDAHGKGDAMWRALSVTRGDLVLYIDADTRDFRPQLAYGVLGPVLEVPGVRFVKAAYRRPFRKGESIEEDGGGRVTELT
AKPLFNLFYPELAGFVQPLAGEFVADRELFCSIPFLTGYAVETGIMIDVLKKVGLGAMAQVDLGERQNRHQHLRDLSRMS
YAVVRAVARRLRQEGRLQQLREPGLPESFFQLSDYLHAVATPEGLKLQEYVEELVERPPINEVLRVR
;
_entity_poly.pdbx_strand_id   A,B
#
loop_
_chem_comp.id
_chem_comp.type
_chem_comp.name
_chem_comp.formula
CL non-polymer 'CHLORIDE ION' 'Cl -1'
GDD non-polymer GUANOSINE-5'-DIPHOSPHATE-ALPHA-D-MANNOSE 'C16 H25 N5 O16 P2'
GDP RNA linking GUANOSINE-5'-DIPHOSPHATE 'C10 H15 N5 O11 P2'
MG non-polymer 'MAGNESIUM ION' 'Mg 2'
#
# COMPACT_ATOMS: atom_id res chain seq x y z
N GLY A 62 -17.39 11.18 22.99
CA GLY A 62 -16.02 11.39 22.56
C GLY A 62 -15.88 12.57 21.62
N PRO A 63 -15.17 12.37 20.50
CA PRO A 63 -15.05 13.33 19.39
C PRO A 63 -15.92 12.94 18.21
N ALA A 64 -16.59 13.92 17.61
CA ALA A 64 -17.53 13.67 16.51
C ALA A 64 -16.85 13.12 15.26
N SER A 65 -15.62 13.53 15.02
CA SER A 65 -14.89 13.06 13.84
C SER A 65 -13.39 12.98 14.06
N ALA A 66 -12.70 12.36 13.10
CA ALA A 66 -11.25 12.36 13.06
C ALA A 66 -10.78 13.81 13.03
N ALA A 67 -11.56 14.68 12.39
CA ALA A 67 -11.25 16.09 12.32
C ALA A 67 -11.30 16.72 13.70
N GLU A 68 -12.30 16.34 14.48
CA GLU A 68 -12.46 16.89 15.82
C GLU A 68 -11.36 16.39 16.74
N TRP A 69 -11.07 15.09 16.66
CA TRP A 69 -9.99 14.51 17.43
C TRP A 69 -8.67 15.19 17.10
N PHE A 70 -8.37 15.26 15.80
CA PHE A 70 -7.13 15.87 15.32
C PHE A 70 -6.98 17.28 15.88
N ARG A 71 -8.12 17.94 16.09
CA ARG A 71 -8.17 19.27 16.68
C ARG A 71 -7.66 19.21 18.12
N GLN A 72 -8.29 18.36 18.92
CA GLN A 72 -8.09 18.34 20.36
C GLN A 72 -6.92 17.52 20.83
N ARG A 73 -6.39 16.66 19.97
CA ARG A 73 -5.45 15.64 20.43
C ARG A 73 -4.09 15.63 19.73
N SER A 74 -3.80 16.64 18.92
CA SER A 74 -2.48 16.76 18.33
C SER A 74 -1.68 17.87 18.99
N TYR A 75 -0.54 17.52 19.59
CA TYR A 75 0.26 18.49 20.32
C TYR A 75 1.59 18.72 19.63
N ASP A 76 2.38 19.62 20.21
CA ASP A 76 3.75 19.89 19.78
C ASP A 76 4.69 19.64 20.96
N TYR A 77 5.85 19.01 20.71
CA TYR A 77 6.77 18.74 21.82
C TYR A 77 7.14 20.06 22.49
N GLY A 78 7.03 21.15 21.74
CA GLY A 78 7.31 22.47 22.25
C GLY A 78 6.52 22.79 23.51
N GLN A 79 5.33 22.20 23.63
CA GLN A 79 4.46 22.45 24.77
C GLN A 79 4.89 21.70 26.03
N PHE A 80 5.77 20.73 25.88
CA PHE A 80 6.19 19.95 27.03
C PHE A 80 7.69 20.04 27.26
N PRO A 81 8.15 21.18 27.79
CA PRO A 81 9.57 21.28 28.17
C PRO A 81 9.86 20.17 29.17
N PRO A 82 11.01 19.50 29.02
CA PRO A 82 11.35 18.31 29.83
C PRO A 82 11.43 18.56 31.34
N GLU A 83 11.84 19.75 31.77
CA GLU A 83 11.89 20.03 33.21
C GLU A 83 10.48 20.01 33.84
N ASP A 84 9.51 20.55 33.12
CA ASP A 84 8.10 20.41 33.51
C ASP A 84 7.71 18.94 33.64
N LEU A 85 7.96 18.15 32.59
CA LEU A 85 7.62 16.72 32.62
C LEU A 85 8.31 16.05 33.80
N ALA A 86 9.61 16.30 33.94
CA ALA A 86 10.36 15.72 35.04
C ALA A 86 9.66 16.08 36.35
N ARG A 87 9.37 17.36 36.55
CA ARG A 87 8.62 17.77 37.72
C ARG A 87 7.28 17.05 37.84
N ARG A 88 6.48 17.08 36.77
CA ARG A 88 5.17 16.45 36.81
C ARG A 88 5.30 14.96 37.14
N LYS A 89 6.21 14.30 36.44
CA LYS A 89 6.45 12.88 36.65
C LYS A 89 6.79 12.61 38.11
N ARG A 90 7.69 13.41 38.67
CA ARG A 90 8.03 13.31 40.09
C ARG A 90 6.79 13.45 40.96
N GLU A 91 5.96 14.45 40.68
CA GLU A 91 4.73 14.67 41.44
C GLU A 91 3.84 13.44 41.41
N LEU A 92 3.63 12.87 40.23
CA LEU A 92 2.74 11.72 40.07
C LEU A 92 3.36 10.44 40.58
N GLY A 93 4.67 10.47 40.85
CA GLY A 93 5.37 9.27 41.25
C GLY A 93 5.36 8.16 40.20
N LEU A 94 5.28 8.52 38.92
CA LEU A 94 5.37 7.54 37.86
C LEU A 94 6.82 7.28 37.48
N THR A 95 7.09 6.06 37.03
CA THR A 95 8.38 5.73 36.46
C THR A 95 8.18 5.42 34.98
N VAL A 96 9.19 5.70 34.17
CA VAL A 96 9.13 5.35 32.75
C VAL A 96 10.20 4.33 32.35
N SER A 97 9.78 3.30 31.61
CA SER A 97 10.74 2.37 30.98
C SER A 97 10.77 2.64 29.48
N ALA A 98 11.96 2.89 28.94
CA ALA A 98 12.12 3.02 27.50
C ALA A 98 12.56 1.67 26.90
N VAL A 99 11.87 1.22 25.86
CA VAL A 99 12.16 -0.07 25.26
C VAL A 99 12.63 0.14 23.82
N LEU A 100 13.81 -0.35 23.51
CA LEU A 100 14.37 -0.18 22.19
C LEU A 100 14.53 -1.53 21.50
N PRO A 101 13.54 -1.93 20.68
CA PRO A 101 13.66 -3.16 19.88
C PRO A 101 14.81 -2.97 18.90
N SER A 102 15.81 -3.85 18.97
CA SER A 102 17.07 -3.62 18.28
C SER A 102 17.49 -4.79 17.44
N ARG A 103 17.72 -4.51 16.15
CA ARG A 103 18.20 -5.54 15.24
C ARG A 103 19.21 -4.93 14.28
N ASN A 104 20.48 -5.30 14.48
CA ASN A 104 21.60 -4.75 13.73
C ASN A 104 21.61 -3.22 13.67
N VAL A 105 21.62 -2.60 14.85
CA VAL A 105 21.67 -1.15 14.96
C VAL A 105 22.93 -0.71 15.71
N ALA A 106 24.02 -1.46 15.52
CA ALA A 106 25.27 -1.17 16.22
C ALA A 106 25.69 0.27 16.03
N ASP A 107 25.47 0.79 14.81
CA ASP A 107 25.91 2.14 14.49
C ASP A 107 25.04 3.25 15.10
N THR A 108 23.86 2.93 15.64
CA THR A 108 22.97 3.98 16.15
C THR A 108 22.51 3.89 17.61
N VAL A 109 22.29 2.70 18.16
CA VAL A 109 21.80 2.60 19.56
C VAL A 109 22.68 3.28 20.59
N GLY A 110 23.99 3.15 20.43
CA GLY A 110 24.92 3.79 21.35
C GLY A 110 24.60 5.26 21.48
N GLY A 111 24.37 5.92 20.34
CA GLY A 111 24.10 7.35 20.32
C GLY A 111 22.79 7.72 21.00
N ILE A 112 21.82 6.81 20.91
CA ILE A 112 20.49 7.08 21.40
C ILE A 112 20.53 6.93 22.91
N ILE A 113 21.12 5.83 23.37
CA ILE A 113 21.34 5.62 24.79
C ILE A 113 22.07 6.82 25.42
N ASP A 114 23.10 7.30 24.73
CA ASP A 114 23.82 8.47 25.25
C ASP A 114 22.87 9.65 25.45
N GLU A 115 22.11 9.98 24.40
CA GLU A 115 21.22 11.14 24.43
C GLU A 115 20.18 11.04 25.51
N ILE A 116 19.62 9.84 25.73
CA ILE A 116 18.70 9.64 26.84
C ILE A 116 19.38 9.88 28.20
N HIS A 117 20.65 9.48 28.31
CA HIS A 117 21.41 9.75 29.52
C HIS A 117 21.64 11.25 29.68
N ALA A 118 21.98 11.92 28.59
CA ALA A 118 22.22 13.34 28.66
C ALA A 118 20.95 14.05 29.11
N LEU A 119 19.82 13.61 28.58
CA LEU A 119 18.52 14.19 28.94
C LEU A 119 18.19 13.95 30.40
N ASN A 120 18.33 12.71 30.86
CA ASN A 120 18.15 12.42 32.28
C ASN A 120 18.95 13.36 33.20
N GLU A 121 20.09 13.85 32.72
CA GLU A 121 20.85 14.84 33.50
C GLU A 121 20.12 16.17 33.67
N ARG A 122 19.53 16.69 32.58
CA ARG A 122 18.77 17.94 32.64
C ARG A 122 17.44 17.72 33.34
N ALA A 123 16.86 16.54 33.12
CA ALA A 123 15.49 16.28 33.59
C ALA A 123 15.22 14.78 33.65
N PRO A 124 15.12 14.24 34.87
CA PRO A 124 14.92 12.80 35.10
C PRO A 124 13.57 12.33 34.57
N LEU A 125 13.59 11.62 33.44
CA LEU A 125 12.37 11.21 32.77
C LEU A 125 12.32 9.70 32.51
N ILE A 126 13.48 9.11 32.21
CA ILE A 126 13.53 7.68 31.90
C ILE A 126 14.28 6.90 32.98
N ASP A 127 13.60 5.95 33.63
CA ASP A 127 14.18 5.22 34.74
C ASP A 127 14.88 3.93 34.31
N GLN A 128 14.43 3.39 33.19
CA GLN A 128 14.96 2.13 32.70
C GLN A 128 15.12 2.19 31.20
N ILE A 129 16.30 1.80 30.73
CA ILE A 129 16.54 1.71 29.30
C ILE A 129 16.78 0.27 28.93
N LEU A 130 15.83 -0.33 28.21
CA LEU A 130 15.95 -1.72 27.75
C LEU A 130 16.24 -1.79 26.27
N VAL A 131 17.32 -2.47 25.94
CA VAL A 131 17.55 -2.82 24.57
C VAL A 131 17.19 -4.29 24.46
N VAL A 132 16.23 -4.60 23.59
CA VAL A 132 15.85 -5.96 23.34
C VAL A 132 16.42 -6.35 21.98
N ASP A 133 17.48 -7.15 22.03
CA ASP A 133 18.28 -7.43 20.85
C ASP A 133 17.81 -8.67 20.10
N ALA A 134 17.82 -8.60 18.76
CA ALA A 134 17.49 -9.75 17.92
C ALA A 134 18.71 -10.63 17.68
N ASP A 135 19.57 -10.75 18.69
CA ASP A 135 20.87 -11.44 18.54
C ASP A 135 21.59 -10.93 17.29
N SER A 136 21.56 -9.62 17.12
CA SER A 136 22.16 -8.99 15.97
C SER A 136 23.54 -9.54 15.75
N GLU A 137 23.88 -9.80 14.50
CA GLU A 137 25.20 -10.30 14.19
C GLU A 137 26.21 -9.15 14.23
N ASP A 138 25.75 -7.93 14.44
CA ASP A 138 26.65 -6.79 14.27
C ASP A 138 27.27 -6.25 15.57
N GLY A 139 26.91 -6.86 16.69
CA GLY A 139 27.51 -6.49 17.97
C GLY A 139 26.63 -5.53 18.73
N THR A 140 25.40 -5.35 18.24
CA THR A 140 24.45 -4.44 18.82
C THR A 140 24.34 -4.59 20.32
N ALA A 141 24.18 -5.82 20.78
CA ALA A 141 24.01 -6.08 22.20
C ALA A 141 25.21 -5.55 23.01
N GLY A 142 26.42 -5.85 22.54
CA GLY A 142 27.62 -5.38 23.21
C GLY A 142 27.67 -3.86 23.21
N VAL A 143 27.23 -3.26 22.12
CA VAL A 143 27.28 -1.83 22.00
C VAL A 143 26.36 -1.19 23.02
N ALA A 144 25.15 -1.72 23.14
CA ALA A 144 24.17 -1.10 24.02
C ALA A 144 24.62 -1.28 25.46
N ALA A 145 25.14 -2.48 25.77
CA ALA A 145 25.62 -2.79 27.11
C ALA A 145 26.76 -1.87 27.50
N SER A 146 27.71 -1.65 26.59
CA SER A 146 28.87 -0.82 26.88
C SER A 146 28.47 0.64 27.07
N HIS A 147 27.26 1.01 26.65
CA HIS A 147 26.76 2.37 26.81
C HIS A 147 25.85 2.52 28.03
N GLY A 148 25.60 1.42 28.74
CA GLY A 148 24.84 1.50 29.97
C GLY A 148 23.38 1.07 29.94
N ALA A 149 22.89 0.60 28.82
CA ALA A 149 21.52 0.10 28.79
C ALA A 149 21.47 -1.31 29.36
N GLU A 150 20.32 -1.69 29.91
CA GLU A 150 20.05 -3.10 30.18
C GLU A 150 19.77 -3.75 28.81
N VAL A 151 20.43 -4.88 28.55
CA VAL A 151 20.31 -5.58 27.27
C VAL A 151 19.74 -6.96 27.47
N TYR A 152 18.77 -7.34 26.64
CA TYR A 152 18.23 -8.70 26.66
C TYR A 152 18.13 -9.25 25.24
N SER A 153 18.20 -10.57 25.12
CA SER A 153 17.99 -11.20 23.83
C SER A 153 16.49 -11.48 23.66
N GLU A 154 15.94 -11.14 22.50
CA GLU A 154 14.53 -11.40 22.24
C GLU A 154 14.21 -12.88 22.38
N ASN A 155 15.23 -13.72 22.26
CA ASN A 155 15.03 -15.19 22.27
C ASN A 155 15.12 -15.79 23.67
N GLU A 156 15.61 -15.00 24.61
CA GLU A 156 15.78 -15.43 25.99
C GLU A 156 14.61 -15.01 26.87
N LEU A 157 13.95 -13.91 26.51
CA LEU A 157 12.71 -13.52 27.18
C LEU A 157 11.58 -14.47 26.76
N MET A 158 10.69 -14.80 27.69
CA MET A 158 9.59 -15.71 27.40
C MET A 158 10.08 -16.92 26.60
N SER A 159 11.23 -17.47 26.99
CA SER A 159 11.87 -18.53 26.20
C SER A 159 10.94 -19.72 25.93
N GLY A 160 9.90 -19.86 26.76
CA GLY A 160 8.89 -20.89 26.53
C GLY A 160 8.21 -20.77 25.17
N TYR A 161 8.33 -19.62 24.52
CA TYR A 161 7.74 -19.37 23.21
C TYR A 161 8.72 -19.59 22.04
N GLY A 162 9.87 -20.18 22.33
CA GLY A 162 10.86 -20.41 21.28
C GLY A 162 11.40 -19.08 20.77
N ASP A 163 12.11 -19.13 19.65
CA ASP A 163 12.74 -17.93 19.13
C ASP A 163 11.74 -16.88 18.68
N ALA A 164 12.18 -15.63 18.74
CA ALA A 164 11.34 -14.48 18.42
C ALA A 164 10.93 -14.46 16.94
N HIS A 165 9.66 -14.15 16.70
CA HIS A 165 9.17 -13.89 15.36
C HIS A 165 9.09 -12.39 15.14
N GLY A 166 10.24 -11.72 15.04
CA GLY A 166 10.27 -10.34 14.59
C GLY A 166 10.09 -9.25 15.62
N LYS A 167 9.95 -8.02 15.12
CA LYS A 167 9.92 -6.83 15.97
C LYS A 167 8.79 -6.89 17.00
N GLY A 168 7.59 -7.28 16.56
CA GLY A 168 6.45 -7.37 17.45
C GLY A 168 6.69 -8.31 18.63
N ASP A 169 7.34 -9.44 18.36
CA ASP A 169 7.59 -10.46 19.37
C ASP A 169 8.55 -9.89 20.41
N ALA A 170 9.59 -9.20 19.94
CA ALA A 170 10.52 -8.57 20.86
C ALA A 170 9.82 -7.54 21.72
N MET A 171 8.91 -6.78 21.11
CA MET A 171 8.25 -5.70 21.86
C MET A 171 7.33 -6.26 22.91
N TRP A 172 6.67 -7.37 22.59
CA TRP A 172 5.82 -8.06 23.55
C TRP A 172 6.67 -8.61 24.69
N ARG A 173 7.72 -9.35 24.36
CA ARG A 173 8.53 -9.99 25.39
C ARG A 173 9.16 -8.96 26.31
N ALA A 174 9.52 -7.79 25.77
CA ALA A 174 10.03 -6.71 26.60
C ALA A 174 9.14 -6.44 27.83
N LEU A 175 7.82 -6.61 27.71
CA LEU A 175 6.92 -6.35 28.84
C LEU A 175 7.26 -7.18 30.08
N SER A 176 7.91 -8.32 29.88
CA SER A 176 8.21 -9.21 31.01
C SER A 176 9.34 -8.66 31.90
N VAL A 177 10.09 -7.69 31.41
CA VAL A 177 11.17 -7.10 32.19
C VAL A 177 11.09 -5.58 32.28
N THR A 178 10.02 -4.99 31.75
CA THR A 178 9.81 -3.56 31.96
C THR A 178 9.27 -3.34 33.36
N ARG A 179 9.95 -2.50 34.13
CA ARG A 179 9.55 -2.22 35.51
C ARG A 179 8.74 -0.94 35.66
N GLY A 180 8.71 -0.12 34.62
CA GLY A 180 8.06 1.19 34.69
C GLY A 180 6.54 1.18 34.67
N ASP A 181 5.95 2.21 35.28
CA ASP A 181 4.51 2.41 35.21
C ASP A 181 4.11 2.75 33.78
N LEU A 182 4.98 3.50 33.11
CA LEU A 182 4.78 3.82 31.70
C LEU A 182 5.80 3.09 30.86
N VAL A 183 5.34 2.50 29.75
CA VAL A 183 6.26 1.88 28.80
C VAL A 183 6.35 2.71 27.53
N LEU A 184 7.57 3.10 27.19
CA LEU A 184 7.84 3.95 26.03
C LEU A 184 8.71 3.23 24.99
N TYR A 185 8.11 2.88 23.85
CA TYR A 185 8.88 2.28 22.77
C TYR A 185 9.56 3.33 21.90
N ILE A 186 10.81 3.07 21.54
CA ILE A 186 11.56 3.96 20.69
C ILE A 186 12.32 3.10 19.70
N ASP A 187 12.50 3.61 18.49
CA ASP A 187 13.27 2.91 17.47
C ASP A 187 14.78 3.05 17.71
N ALA A 188 15.52 1.96 17.52
CA ALA A 188 16.93 1.94 17.86
C ALA A 188 17.81 2.32 16.67
N ASP A 189 17.19 2.62 15.53
CA ASP A 189 17.98 2.83 14.31
C ASP A 189 18.05 4.29 13.86
N THR A 190 17.45 5.17 14.65
CA THR A 190 17.41 6.60 14.31
C THR A 190 18.82 7.18 14.27
N ARG A 191 19.22 7.72 13.13
CA ARG A 191 20.55 8.31 13.03
C ARG A 191 20.73 9.50 13.96
N ASP A 192 20.29 10.69 13.57
CA ASP A 192 20.49 11.86 14.42
C ASP A 192 19.39 11.99 15.47
N PHE A 193 19.56 11.31 16.60
CA PHE A 193 18.56 11.26 17.64
C PHE A 193 18.54 12.52 18.51
N ARG A 194 17.50 13.33 18.35
CA ARG A 194 17.34 14.49 19.21
C ARG A 194 16.51 14.10 20.43
N PRO A 195 16.74 14.78 21.56
CA PRO A 195 16.18 14.34 22.85
C PRO A 195 14.65 14.32 22.90
N GLN A 196 13.98 15.12 22.08
CA GLN A 196 12.52 15.12 22.12
C GLN A 196 11.95 13.87 21.47
N LEU A 197 12.77 13.11 20.76
CA LEU A 197 12.30 11.85 20.19
C LEU A 197 12.03 10.84 21.30
N ALA A 198 12.48 11.18 22.50
CA ALA A 198 12.23 10.35 23.68
C ALA A 198 11.13 10.94 24.55
N TYR A 199 11.25 12.21 24.92
CA TYR A 199 10.31 12.81 25.88
C TYR A 199 9.00 13.39 25.32
N GLY A 200 8.95 13.69 24.03
CA GLY A 200 7.81 14.40 23.45
C GLY A 200 6.47 13.73 23.68
N VAL A 201 6.41 12.43 23.43
CA VAL A 201 5.17 11.68 23.55
C VAL A 201 4.71 11.50 25.00
N LEU A 202 5.60 11.77 25.96
CA LEU A 202 5.22 11.70 27.37
C LEU A 202 4.34 12.86 27.80
N GLY A 203 4.40 13.96 27.04
CA GLY A 203 3.66 15.16 27.35
C GLY A 203 2.21 14.91 27.73
N PRO A 204 1.41 14.40 26.78
CA PRO A 204 -0.03 14.17 26.97
C PRO A 204 -0.36 13.10 28.01
N VAL A 205 0.44 12.04 28.16
CA VAL A 205 0.15 11.04 29.19
C VAL A 205 0.26 11.65 30.57
N LEU A 206 1.28 12.48 30.75
CA LEU A 206 1.54 13.08 32.05
C LEU A 206 0.60 14.24 32.32
N GLU A 207 0.26 14.98 31.28
CA GLU A 207 -0.40 16.29 31.48
C GLU A 207 -1.87 16.37 31.08
N VAL A 208 -2.27 15.73 29.98
CA VAL A 208 -3.67 15.79 29.58
C VAL A 208 -4.49 14.65 30.19
N PRO A 209 -5.43 15.01 31.06
CA PRO A 209 -6.28 14.13 31.88
C PRO A 209 -6.63 12.77 31.27
N GLY A 210 -7.44 12.71 30.23
CA GLY A 210 -7.90 11.40 29.77
C GLY A 210 -7.00 10.59 28.84
N VAL A 211 -5.85 11.15 28.48
CA VAL A 211 -4.97 10.55 27.49
C VAL A 211 -4.18 9.35 28.04
N ARG A 212 -4.35 8.18 27.42
CA ARG A 212 -3.69 6.96 27.89
C ARG A 212 -2.63 6.41 26.94
N PHE A 213 -2.62 6.88 25.69
CA PHE A 213 -1.73 6.36 24.66
C PHE A 213 -1.35 7.50 23.72
N VAL A 214 -0.04 7.70 23.52
CA VAL A 214 0.43 8.77 22.64
C VAL A 214 1.40 8.25 21.57
N LYS A 215 1.13 8.55 20.32
CA LYS A 215 1.97 8.12 19.20
C LYS A 215 2.78 9.32 18.73
N ALA A 216 3.99 9.09 18.23
CA ALA A 216 4.79 10.19 17.68
C ALA A 216 4.26 10.64 16.32
N ALA A 217 4.53 11.89 15.99
CA ALA A 217 4.34 12.41 14.64
C ALA A 217 5.62 13.13 14.26
N TYR A 218 5.95 13.20 12.98
CA TYR A 218 7.19 13.84 12.57
C TYR A 218 7.34 13.87 11.06
N ARG A 219 8.40 14.52 10.58
CA ARG A 219 8.61 14.68 9.15
C ARG A 219 10.03 14.31 8.71
N ARG A 220 10.13 13.68 7.55
CA ARG A 220 11.43 13.40 6.93
C ARG A 220 12.15 14.72 6.65
N PRO A 221 13.45 14.79 6.99
CA PRO A 221 14.21 16.00 6.67
C PRO A 221 14.18 16.29 5.18
N GLU A 229 7.03 20.92 0.66
CA GLU A 229 7.54 20.35 1.91
C GLU A 229 6.40 19.82 2.78
N GLU A 230 6.05 18.55 2.60
CA GLU A 230 4.85 18.01 3.24
C GLU A 230 4.86 16.48 3.37
N ASP A 231 5.12 15.98 4.57
CA ASP A 231 5.34 14.55 4.80
C ASP A 231 4.14 13.80 5.40
N GLY A 232 3.67 12.79 4.69
CA GLY A 232 2.54 11.99 5.16
C GLY A 232 2.94 10.58 5.53
N GLY A 233 4.22 10.41 5.87
CA GLY A 233 4.76 9.12 6.25
C GLY A 233 5.63 8.46 5.19
N GLY A 234 6.27 7.36 5.55
CA GLY A 234 7.04 6.58 4.60
C GLY A 234 6.10 5.81 3.69
N ARG A 235 6.68 5.07 2.76
CA ARG A 235 5.92 4.39 1.74
C ARG A 235 4.81 3.47 2.26
N VAL A 236 5.09 2.64 3.26
CA VAL A 236 4.10 1.71 3.80
C VAL A 236 2.95 2.44 4.51
N THR A 237 3.29 3.53 5.19
CA THR A 237 2.29 4.39 5.83
C THR A 237 1.35 5.01 4.80
N GLU A 238 1.92 5.59 3.75
CA GLU A 238 1.19 6.32 2.72
C GLU A 238 0.35 5.40 1.85
N LEU A 239 0.94 4.30 1.41
CA LEU A 239 0.28 3.44 0.42
C LEU A 239 -0.44 2.21 0.99
N THR A 240 -0.33 1.96 2.29
CA THR A 240 -0.97 0.79 2.86
C THR A 240 -1.81 1.11 4.09
N ALA A 241 -1.16 1.59 5.13
CA ALA A 241 -1.84 1.85 6.38
C ALA A 241 -2.89 2.96 6.27
N LYS A 242 -2.53 4.12 5.74
CA LYS A 242 -3.52 5.20 5.65
C LYS A 242 -4.74 4.84 4.76
N PRO A 243 -4.49 4.27 3.56
CA PRO A 243 -5.66 3.86 2.78
C PRO A 243 -6.48 2.78 3.50
N LEU A 244 -5.85 1.86 4.22
CA LEU A 244 -6.62 0.82 4.91
C LEU A 244 -7.39 1.39 6.10
N PHE A 245 -6.78 2.36 6.77
CA PHE A 245 -7.40 2.98 7.92
C PHE A 245 -8.57 3.86 7.51
N ASN A 246 -8.36 4.69 6.50
CA ASN A 246 -9.46 5.51 6.02
C ASN A 246 -10.69 4.67 5.70
N LEU A 247 -10.51 3.50 5.11
CA LEU A 247 -11.65 2.67 4.73
C LEU A 247 -12.24 1.89 5.90
N PHE A 248 -11.37 1.28 6.72
CA PHE A 248 -11.80 0.31 7.74
C PHE A 248 -11.76 0.79 9.20
N TYR A 249 -10.85 1.71 9.51
CA TYR A 249 -10.79 2.28 10.85
C TYR A 249 -10.65 3.79 10.74
N PRO A 250 -11.65 4.45 10.18
CA PRO A 250 -11.59 5.89 9.89
C PRO A 250 -11.22 6.70 11.12
N GLU A 251 -11.56 6.21 12.30
CA GLU A 251 -11.18 6.90 13.54
CA GLU A 251 -11.18 6.83 13.57
C GLU A 251 -9.67 7.15 13.64
N LEU A 252 -8.85 6.37 12.94
CA LEU A 252 -7.39 6.48 13.02
C LEU A 252 -6.78 7.31 11.89
N ALA A 253 -7.63 7.87 11.05
CA ALA A 253 -7.19 8.56 9.85
C ALA A 253 -6.48 9.86 10.19
N GLY A 254 -6.70 10.34 11.41
CA GLY A 254 -6.08 11.55 11.88
C GLY A 254 -4.60 11.46 12.22
N PHE A 255 -4.07 10.24 12.39
CA PHE A 255 -2.67 10.07 12.82
C PHE A 255 -1.68 10.30 11.68
N VAL A 256 -0.71 11.16 11.92
CA VAL A 256 0.30 11.50 10.91
C VAL A 256 1.27 10.33 10.64
N GLN A 257 1.70 9.68 11.71
CA GLN A 257 2.58 8.52 11.60
C GLN A 257 2.06 7.34 12.39
N PRO A 258 0.95 6.75 11.93
CA PRO A 258 0.29 5.68 12.68
C PRO A 258 1.18 4.47 12.88
N LEU A 259 2.19 4.27 12.04
CA LEU A 259 3.09 3.11 12.20
C LEU A 259 4.39 3.48 12.92
N ALA A 260 4.44 4.67 13.51
CA ALA A 260 5.66 5.11 14.19
C ALA A 260 6.09 4.10 15.25
N GLY A 261 7.40 3.89 15.38
CA GLY A 261 7.92 3.02 16.41
C GLY A 261 7.93 3.67 17.79
N GLU A 262 7.85 5.01 17.86
CA GLU A 262 7.85 5.70 19.15
C GLU A 262 6.45 6.06 19.61
N PHE A 263 6.06 5.47 20.73
CA PHE A 263 4.77 5.71 21.34
C PHE A 263 4.80 5.21 22.78
N VAL A 264 3.85 5.66 23.59
CA VAL A 264 3.90 5.36 25.00
C VAL A 264 2.51 5.12 25.57
N ALA A 265 2.44 4.23 26.54
CA ALA A 265 1.18 4.00 27.26
C ALA A 265 1.54 3.36 28.59
N ASP A 266 0.59 3.32 29.50
CA ASP A 266 0.84 2.68 30.79
C ASP A 266 1.14 1.20 30.58
N ARG A 267 1.94 0.62 31.45
CA ARG A 267 2.29 -0.77 31.24
C ARG A 267 1.05 -1.67 31.22
N GLU A 268 0.06 -1.37 32.05
CA GLU A 268 -1.12 -2.22 32.16
C GLU A 268 -1.91 -2.32 30.86
N LEU A 269 -1.87 -1.26 30.06
CA LEU A 269 -2.56 -1.26 28.78
C LEU A 269 -1.87 -2.22 27.82
N PHE A 270 -0.57 -2.06 27.63
CA PHE A 270 0.21 -2.94 26.75
C PHE A 270 0.11 -4.40 27.20
N CYS A 271 0.08 -4.61 28.51
CA CYS A 271 0.03 -5.97 29.05
C CYS A 271 -1.32 -6.68 28.88
N SER A 272 -2.31 -5.96 28.37
CA SER A 272 -3.66 -6.52 28.31
C SER A 272 -4.25 -6.50 26.89
N ILE A 273 -3.40 -6.29 25.89
CA ILE A 273 -3.77 -6.48 24.49
C ILE A 273 -2.84 -7.51 23.86
N PRO A 274 -3.31 -8.21 22.82
CA PRO A 274 -2.38 -9.13 22.15
C PRO A 274 -1.38 -8.34 21.30
N PHE A 275 -0.32 -8.99 20.87
CA PHE A 275 0.69 -8.35 20.04
C PHE A 275 0.90 -9.19 18.79
N LEU A 276 0.68 -8.59 17.62
CA LEU A 276 1.08 -9.25 16.39
C LEU A 276 2.60 -9.22 16.35
N THR A 277 3.20 -10.31 15.92
CA THR A 277 4.65 -10.34 15.77
C THR A 277 5.01 -9.73 14.42
N GLY A 278 6.30 -9.69 14.10
CA GLY A 278 6.71 -9.15 12.82
C GLY A 278 6.36 -7.69 12.64
N TYR A 279 6.19 -7.26 11.39
CA TYR A 279 6.05 -5.84 11.14
C TYR A 279 4.64 -5.35 11.35
N ALA A 280 3.74 -6.28 11.63
CA ALA A 280 2.33 -5.93 11.71
C ALA A 280 2.00 -5.36 13.08
N VAL A 281 2.98 -5.33 13.98
CA VAL A 281 2.70 -5.02 15.38
C VAL A 281 2.10 -3.64 15.63
N GLU A 282 2.62 -2.62 14.95
CA GLU A 282 2.12 -1.25 15.17
C GLU A 282 0.68 -1.14 14.74
N THR A 283 0.38 -1.71 13.57
CA THR A 283 -0.96 -1.71 13.03
C THR A 283 -1.90 -2.36 14.02
N GLY A 284 -1.52 -3.54 14.50
CA GLY A 284 -2.31 -4.27 15.47
C GLY A 284 -2.52 -3.46 16.74
N ILE A 285 -1.46 -2.81 17.24
CA ILE A 285 -1.57 -2.04 18.47
C ILE A 285 -2.50 -0.84 18.32
N MET A 286 -2.39 -0.13 17.18
CA MET A 286 -3.30 0.96 16.89
C MET A 286 -4.75 0.52 16.97
N ILE A 287 -5.09 -0.57 16.27
CA ILE A 287 -6.44 -1.05 16.27
C ILE A 287 -6.89 -1.51 17.66
N ASP A 288 -6.00 -2.21 18.37
CA ASP A 288 -6.37 -2.81 19.65
C ASP A 288 -6.50 -1.72 20.72
N VAL A 289 -5.68 -0.68 20.62
CA VAL A 289 -5.74 0.37 21.61
C VAL A 289 -7.02 1.18 21.38
N LEU A 290 -7.24 1.56 20.12
CA LEU A 290 -8.45 2.25 19.72
C LEU A 290 -9.69 1.59 20.31
N LYS A 291 -9.78 0.27 20.16
CA LYS A 291 -10.92 -0.49 20.65
C LYS A 291 -11.01 -0.54 22.17
N LYS A 292 -9.87 -0.59 22.84
CA LYS A 292 -9.83 -0.67 24.30
C LYS A 292 -10.12 0.66 24.99
N VAL A 293 -9.40 1.71 24.61
CA VAL A 293 -9.49 2.97 25.35
C VAL A 293 -10.30 4.06 24.68
N GLY A 294 -10.56 3.91 23.39
CA GLY A 294 -11.34 4.89 22.64
C GLY A 294 -10.47 5.98 22.08
N LEU A 295 -10.94 6.62 21.01
CA LEU A 295 -10.19 7.64 20.27
C LEU A 295 -9.79 8.87 21.12
N GLY A 296 -10.72 9.33 21.97
CA GLY A 296 -10.47 10.51 22.77
C GLY A 296 -9.32 10.34 23.74
N ALA A 297 -8.88 9.09 23.95
CA ALA A 297 -7.86 8.77 24.94
C ALA A 297 -6.52 8.49 24.26
N MET A 298 -6.46 8.74 22.97
CA MET A 298 -5.23 8.61 22.21
C MET A 298 -4.83 10.00 21.77
N ALA A 299 -3.53 10.24 21.66
CA ALA A 299 -3.04 11.53 21.21
C ALA A 299 -1.81 11.35 20.32
N GLN A 300 -1.35 12.45 19.74
CA GLN A 300 -0.10 12.43 18.99
C GLN A 300 0.67 13.72 19.25
N VAL A 301 1.98 13.65 19.12
CA VAL A 301 2.82 14.81 19.37
C VAL A 301 3.80 15.01 18.22
N ASP A 302 3.74 16.18 17.58
CA ASP A 302 4.73 16.53 16.56
C ASP A 302 6.09 16.58 17.26
N LEU A 303 7.10 15.97 16.65
CA LEU A 303 8.41 15.89 17.27
C LEU A 303 9.47 16.53 16.39
N GLY A 304 9.02 17.07 15.26
CA GLY A 304 9.94 17.74 14.37
C GLY A 304 10.41 16.80 13.28
N GLU A 305 11.71 16.81 13.00
CA GLU A 305 12.22 16.03 11.89
C GLU A 305 12.84 14.73 12.39
N ARG A 306 12.61 13.66 11.64
CA ARG A 306 13.21 12.38 11.96
C ARG A 306 13.67 11.69 10.70
N GLN A 307 14.98 11.50 10.61
CA GLN A 307 15.59 10.81 9.49
C GLN A 307 15.38 9.32 9.70
N ASN A 308 14.77 8.65 8.73
CA ASN A 308 14.65 7.19 8.82
C ASN A 308 15.36 6.49 7.66
N ARG A 309 15.88 5.29 7.96
CA ARG A 309 16.61 4.50 6.98
C ARG A 309 15.68 3.92 5.91
N HIS A 310 15.84 4.41 4.69
CA HIS A 310 15.09 3.91 3.53
C HIS A 310 15.33 2.40 3.35
N GLN A 311 14.27 1.65 3.11
CA GLN A 311 14.40 0.23 2.78
C GLN A 311 14.17 -0.01 1.28
N HIS A 312 14.51 -1.20 0.80
CA HIS A 312 14.22 -1.55 -0.60
C HIS A 312 12.74 -1.78 -0.78
N LEU A 313 12.19 -1.24 -1.86
CA LEU A 313 10.76 -1.33 -2.13
C LEU A 313 10.31 -2.77 -2.06
N ARG A 314 11.13 -3.67 -2.59
CA ARG A 314 10.78 -5.09 -2.63
C ARG A 314 10.53 -5.67 -1.24
N ASP A 315 11.34 -5.26 -0.25
CA ASP A 315 11.15 -5.76 1.11
C ASP A 315 9.94 -5.08 1.75
N LEU A 316 9.73 -3.81 1.40
CA LEU A 316 8.60 -3.09 1.94
C LEU A 316 7.30 -3.78 1.53
N SER A 317 7.31 -4.39 0.36
CA SER A 317 6.16 -5.16 -0.11
C SER A 317 5.73 -6.16 0.97
N ARG A 318 6.67 -6.92 1.51
CA ARG A 318 6.35 -7.86 2.58
C ARG A 318 5.80 -7.18 3.84
N MET A 319 6.39 -6.06 4.25
CA MET A 319 5.82 -5.29 5.35
CA MET A 319 5.80 -5.30 5.36
C MET A 319 4.37 -4.90 5.05
N SER A 320 4.11 -4.42 3.82
CA SER A 320 2.77 -3.99 3.43
C SER A 320 1.80 -5.15 3.55
N TYR A 321 2.25 -6.33 3.15
CA TYR A 321 1.44 -7.54 3.34
C TYR A 321 1.14 -7.83 4.81
N ALA A 322 2.09 -7.56 5.70
CA ALA A 322 1.85 -7.82 7.13
C ALA A 322 0.77 -6.88 7.64
N VAL A 323 0.82 -5.61 7.22
CA VAL A 323 -0.18 -4.63 7.63
C VAL A 323 -1.56 -5.04 7.13
N VAL A 324 -1.64 -5.42 5.87
CA VAL A 324 -2.89 -5.95 5.31
C VAL A 324 -3.42 -7.14 6.14
N ARG A 325 -2.54 -8.09 6.43
CA ARG A 325 -2.95 -9.27 7.22
C ARG A 325 -3.49 -8.89 8.60
N ALA A 326 -2.83 -7.96 9.28
CA ALA A 326 -3.28 -7.49 10.60
C ALA A 326 -4.68 -6.93 10.49
N VAL A 327 -4.89 -6.00 9.57
CA VAL A 327 -6.23 -5.48 9.31
C VAL A 327 -7.23 -6.59 8.96
N ALA A 328 -6.84 -7.50 8.07
CA ALA A 328 -7.77 -8.58 7.68
C ALA A 328 -8.13 -9.47 8.88
N ARG A 329 -7.15 -9.81 9.69
CA ARG A 329 -7.39 -10.63 10.87
C ARG A 329 -8.42 -9.95 11.79
N ARG A 330 -8.20 -8.67 12.09
CA ARG A 330 -9.12 -7.93 12.96
C ARG A 330 -10.54 -7.81 12.36
N LEU A 331 -10.61 -7.54 11.06
CA LEU A 331 -11.90 -7.45 10.38
C LEU A 331 -12.65 -8.75 10.52
N ARG A 332 -11.92 -9.86 10.44
CA ARG A 332 -12.55 -11.16 10.60
C ARG A 332 -13.08 -11.40 12.02
N GLN A 333 -12.33 -11.04 13.07
CA GLN A 333 -12.92 -11.23 14.39
C GLN A 333 -14.07 -10.28 14.70
N GLU A 334 -14.10 -9.13 14.03
CA GLU A 334 -15.24 -8.22 14.21
C GLU A 334 -16.45 -8.76 13.46
N GLY A 335 -16.21 -9.67 12.52
CA GLY A 335 -17.29 -10.19 11.69
C GLY A 335 -17.56 -9.38 10.44
N ARG A 336 -16.76 -8.35 10.20
CA ARG A 336 -16.96 -7.51 9.02
C ARG A 336 -16.49 -8.29 7.81
N LEU A 337 -15.47 -9.09 8.02
CA LEU A 337 -14.97 -9.96 6.99
C LEU A 337 -15.30 -11.39 7.40
N GLN A 338 -16.07 -12.10 6.59
CA GLN A 338 -16.19 -13.55 6.74
C GLN A 338 -15.66 -14.30 5.51
N GLN A 339 -15.70 -15.64 5.55
CA GLN A 339 -15.16 -16.47 4.46
C GLN A 339 -14.05 -15.78 3.67
N LEU A 340 -12.98 -15.40 4.38
CA LEU A 340 -11.78 -14.82 3.77
C LEU A 340 -11.36 -15.48 2.45
N ARG A 341 -11.45 -16.80 2.39
CA ARG A 341 -11.19 -17.53 1.16
C ARG A 341 -12.45 -17.59 0.33
N GLU A 342 -12.40 -17.05 -0.89
CA GLU A 342 -13.56 -17.09 -1.75
C GLU A 342 -13.88 -18.52 -2.14
N PRO A 343 -15.17 -18.90 -2.05
CA PRO A 343 -15.61 -20.24 -2.44
C PRO A 343 -15.35 -20.46 -3.93
N GLY A 344 -15.05 -21.69 -4.31
CA GLY A 344 -14.75 -21.99 -5.70
C GLY A 344 -13.26 -21.92 -5.92
N LEU A 345 -12.60 -21.06 -5.16
CA LEU A 345 -11.14 -21.00 -5.14
C LEU A 345 -10.61 -22.30 -4.54
N PRO A 346 -9.91 -23.11 -5.36
CA PRO A 346 -9.26 -24.34 -4.89
C PRO A 346 -8.29 -24.06 -3.75
N GLU A 347 -8.24 -24.94 -2.75
CA GLU A 347 -7.37 -24.76 -1.58
C GLU A 347 -5.91 -24.48 -1.96
N SER A 348 -5.45 -25.08 -3.04
CA SER A 348 -4.07 -24.91 -3.49
C SER A 348 -3.66 -23.44 -3.64
N PHE A 349 -4.61 -22.59 -4.00
CA PHE A 349 -4.32 -21.16 -4.13
C PHE A 349 -4.30 -20.46 -2.79
N PHE A 350 -4.78 -21.13 -1.76
CA PHE A 350 -5.01 -20.46 -0.48
C PHE A 350 -4.01 -20.84 0.62
N GLN A 351 -3.18 -19.87 0.98
CA GLN A 351 -2.14 -20.04 2.00
C GLN A 351 -1.66 -18.66 2.39
N LEU A 352 -2.22 -18.13 3.47
CA LEU A 352 -1.98 -16.75 3.86
C LEU A 352 -0.51 -16.50 4.17
N SER A 353 0.18 -17.51 4.69
CA SER A 353 1.57 -17.37 5.10
C SER A 353 2.49 -17.35 3.88
N ASP A 354 1.93 -17.70 2.73
CA ASP A 354 2.70 -17.74 1.49
C ASP A 354 2.51 -16.45 0.66
N TYR A 355 3.53 -15.59 0.69
CA TYR A 355 3.47 -14.34 -0.07
C TYR A 355 4.20 -14.50 -1.38
N LEU A 356 3.46 -14.33 -2.48
CA LEU A 356 4.04 -14.42 -3.82
C LEU A 356 4.34 -13.04 -4.39
N HIS A 357 5.58 -12.83 -4.79
CA HIS A 357 6.03 -11.54 -5.25
C HIS A 357 6.62 -11.69 -6.65
N ALA A 358 5.84 -11.35 -7.67
CA ALA A 358 6.27 -11.51 -9.06
C ALA A 358 7.11 -10.32 -9.48
N VAL A 359 8.28 -10.59 -10.05
CA VAL A 359 9.19 -9.51 -10.42
C VAL A 359 9.74 -9.64 -11.82
N ALA A 360 10.30 -8.55 -12.33
CA ALA A 360 11.00 -8.58 -13.60
C ALA A 360 12.49 -8.36 -13.32
N THR A 361 13.33 -9.15 -13.98
CA THR A 361 14.77 -9.06 -13.77
C THR A 361 15.47 -9.03 -15.10
N PRO A 362 16.73 -8.58 -15.11
CA PRO A 362 17.45 -8.52 -16.39
C PRO A 362 17.40 -9.85 -17.17
N GLU A 363 17.24 -10.96 -16.46
CA GLU A 363 17.28 -12.28 -17.08
C GLU A 363 15.91 -12.94 -17.26
N GLY A 364 14.84 -12.18 -17.02
CA GLY A 364 13.50 -12.71 -17.20
C GLY A 364 12.53 -12.35 -16.09
N LEU A 365 11.34 -12.94 -16.13
CA LEU A 365 10.36 -12.73 -15.08
C LEU A 365 10.48 -13.86 -14.06
N LYS A 366 10.36 -13.54 -12.78
CA LYS A 366 10.48 -14.55 -11.72
C LYS A 366 9.37 -14.41 -10.70
N LEU A 367 9.05 -15.51 -10.02
CA LEU A 367 8.03 -15.50 -8.99
C LEU A 367 8.70 -15.83 -7.67
N GLN A 368 8.88 -14.82 -6.83
CA GLN A 368 9.50 -15.03 -5.54
C GLN A 368 8.44 -15.39 -4.52
N GLU A 369 8.83 -16.23 -3.58
CA GLU A 369 7.91 -16.76 -2.60
C GLU A 369 8.51 -16.55 -1.21
N TYR A 370 7.79 -15.84 -0.34
CA TYR A 370 8.23 -15.63 1.04
C TYR A 370 7.24 -16.30 1.97
N VAL A 371 7.74 -16.93 3.02
CA VAL A 371 6.84 -17.57 3.96
C VAL A 371 7.03 -17.01 5.34
N GLU A 372 6.03 -16.29 5.82
CA GLU A 372 6.00 -15.76 7.17
C GLU A 372 4.64 -16.04 7.82
N GLU A 373 4.63 -16.94 8.80
CA GLU A 373 3.43 -17.20 9.57
C GLU A 373 3.06 -15.95 10.38
N LEU A 374 1.79 -15.52 10.32
CA LEU A 374 1.34 -14.42 11.19
C LEU A 374 1.15 -14.91 12.62
N VAL A 375 2.21 -14.83 13.44
CA VAL A 375 2.14 -15.27 14.82
C VAL A 375 1.61 -14.15 15.71
N GLU A 376 0.68 -14.48 16.59
CA GLU A 376 0.11 -13.48 17.49
C GLU A 376 0.34 -13.88 18.95
N ARG A 377 0.80 -12.95 19.77
CA ARG A 377 0.96 -13.23 21.20
C ARG A 377 -0.27 -12.77 21.97
N PRO A 378 -0.71 -13.58 22.94
CA PRO A 378 -1.82 -13.26 23.84
C PRO A 378 -1.45 -12.13 24.77
N PRO A 379 -2.44 -11.43 25.33
CA PRO A 379 -2.09 -10.41 26.33
C PRO A 379 -1.12 -11.03 27.36
N ILE A 380 0.03 -10.39 27.55
CA ILE A 380 1.05 -10.99 28.38
C ILE A 380 0.57 -11.23 29.82
N ASN A 381 -0.36 -10.41 30.30
CA ASN A 381 -1.01 -10.61 31.60
C ASN A 381 -1.43 -12.06 31.83
N GLU A 382 -1.78 -12.75 30.75
CA GLU A 382 -2.41 -14.07 30.86
C GLU A 382 -1.40 -15.21 30.90
N VAL A 383 -0.14 -14.87 30.74
CA VAL A 383 0.85 -15.86 30.40
C VAL A 383 2.17 -15.68 31.18
N LEU A 384 2.18 -14.65 32.04
CA LEU A 384 3.37 -14.21 32.76
C LEU A 384 3.10 -14.32 34.25
N ARG A 385 4.12 -14.65 35.04
CA ARG A 385 3.95 -14.63 36.50
C ARG A 385 3.33 -13.32 36.98
N VAL A 386 2.24 -13.39 37.74
CA VAL A 386 1.60 -12.18 38.25
C VAL A 386 2.49 -11.39 39.23
N GLY B 62 -8.65 -25.42 -14.65
CA GLY B 62 -7.64 -24.38 -14.85
C GLY B 62 -6.30 -24.74 -14.22
N PRO B 63 -5.44 -23.73 -13.98
CA PRO B 63 -4.16 -23.89 -13.26
C PRO B 63 -4.37 -24.11 -11.75
N ALA B 64 -3.44 -24.79 -11.09
CA ALA B 64 -3.66 -25.14 -9.68
C ALA B 64 -3.06 -24.18 -8.66
N SER B 65 -2.32 -23.19 -9.16
CA SER B 65 -1.65 -22.24 -8.28
C SER B 65 -1.10 -21.09 -9.11
N ALA B 66 -0.81 -19.96 -8.47
CA ALA B 66 -0.22 -18.85 -9.16
C ALA B 66 1.08 -19.31 -9.84
N ALA B 67 1.81 -20.21 -9.18
CA ALA B 67 3.06 -20.76 -9.75
C ALA B 67 2.86 -21.53 -11.06
N GLU B 68 1.90 -22.44 -11.11
CA GLU B 68 1.63 -23.12 -12.36
C GLU B 68 1.20 -22.12 -13.44
N TRP B 69 0.29 -21.22 -13.09
CA TRP B 69 -0.11 -20.19 -14.06
C TRP B 69 1.11 -19.40 -14.55
N PHE B 70 1.95 -19.01 -13.62
CA PHE B 70 3.13 -18.21 -13.93
C PHE B 70 4.05 -18.86 -14.97
N ARG B 71 4.26 -20.17 -14.87
CA ARG B 71 5.13 -20.87 -15.84
C ARG B 71 4.45 -20.97 -17.19
N GLN B 72 3.14 -21.19 -17.16
CA GLN B 72 2.40 -21.48 -18.37
C GLN B 72 1.86 -20.26 -19.12
N ARG B 73 1.81 -19.11 -18.45
CA ARG B 73 1.15 -17.96 -19.03
C ARG B 73 1.98 -16.67 -18.95
N SER B 74 3.26 -16.81 -18.68
CA SER B 74 4.18 -15.69 -18.82
C SER B 74 5.03 -15.90 -20.05
N TYR B 75 5.17 -14.85 -20.86
CA TYR B 75 5.92 -14.94 -22.11
C TYR B 75 6.87 -13.77 -22.24
N ASP B 76 7.69 -13.82 -23.27
CA ASP B 76 8.60 -12.73 -23.60
C ASP B 76 8.23 -12.21 -24.99
N TYR B 77 8.27 -10.89 -25.19
CA TYR B 77 7.80 -10.36 -26.46
C TYR B 77 8.64 -10.92 -27.60
N GLY B 78 9.85 -11.36 -27.28
CA GLY B 78 10.73 -11.97 -28.25
C GLY B 78 10.17 -13.25 -28.85
N GLN B 79 9.20 -13.86 -28.17
CA GLN B 79 8.56 -15.06 -28.70
C GLN B 79 7.55 -14.76 -29.82
N PHE B 80 7.22 -13.48 -29.99
CA PHE B 80 6.15 -13.07 -30.89
C PHE B 80 6.59 -12.06 -31.94
N PRO B 81 7.40 -12.49 -32.91
CA PRO B 81 7.85 -11.55 -33.95
C PRO B 81 6.65 -10.92 -34.63
N PRO B 82 6.66 -9.59 -34.80
CA PRO B 82 5.50 -8.85 -35.32
C PRO B 82 4.97 -9.44 -36.63
N GLU B 83 5.87 -9.82 -37.54
CA GLU B 83 5.43 -10.34 -38.84
C GLU B 83 4.61 -11.63 -38.74
N ASP B 84 4.87 -12.41 -37.69
CA ASP B 84 4.11 -13.63 -37.44
C ASP B 84 2.77 -13.32 -36.83
N LEU B 85 2.75 -12.35 -35.92
CA LEU B 85 1.51 -11.83 -35.36
C LEU B 85 0.60 -11.28 -36.46
N ALA B 86 1.21 -10.59 -37.43
CA ALA B 86 0.44 -9.95 -38.48
C ALA B 86 -0.22 -11.00 -39.35
N ARG B 87 0.52 -12.08 -39.61
CA ARG B 87 0.01 -13.24 -40.35
C ARG B 87 -1.18 -13.89 -39.64
N ARG B 88 -1.03 -14.18 -38.35
CA ARG B 88 -2.09 -14.86 -37.61
C ARG B 88 -3.34 -13.97 -37.50
N LYS B 89 -3.13 -12.69 -37.27
CA LYS B 89 -4.22 -11.73 -37.21
C LYS B 89 -5.02 -11.76 -38.50
N ARG B 90 -4.32 -11.75 -39.63
CA ARG B 90 -4.95 -11.79 -40.94
C ARG B 90 -5.70 -13.10 -41.19
N GLU B 91 -5.09 -14.22 -40.80
CA GLU B 91 -5.74 -15.51 -41.02
C GLU B 91 -7.05 -15.59 -40.24
N LEU B 92 -7.05 -15.05 -39.03
CA LEU B 92 -8.23 -15.04 -38.18
C LEU B 92 -9.20 -13.90 -38.49
N GLY B 93 -8.82 -13.02 -39.40
CA GLY B 93 -9.63 -11.87 -39.76
C GLY B 93 -9.88 -10.86 -38.63
N LEU B 94 -8.99 -10.80 -37.64
CA LEU B 94 -9.20 -9.93 -36.49
C LEU B 94 -8.64 -8.55 -36.73
N THR B 95 -9.25 -7.57 -36.08
CA THR B 95 -8.77 -6.21 -36.15
C THR B 95 -8.41 -5.73 -34.77
N VAL B 96 -7.49 -4.78 -34.69
CA VAL B 96 -7.07 -4.27 -33.40
C VAL B 96 -7.26 -2.76 -33.30
N SER B 97 -7.94 -2.34 -32.24
CA SER B 97 -8.04 -0.94 -31.88
C SER B 97 -7.06 -0.62 -30.78
N ALA B 98 -6.30 0.46 -30.93
CA ALA B 98 -5.42 0.90 -29.85
C ALA B 98 -5.98 2.18 -29.25
N VAL B 99 -6.31 2.12 -27.97
CA VAL B 99 -6.84 3.25 -27.23
C VAL B 99 -5.74 3.88 -26.39
N LEU B 100 -5.54 5.18 -26.57
CA LEU B 100 -4.62 5.94 -25.74
C LEU B 100 -5.39 6.95 -24.89
N PRO B 101 -5.74 6.59 -23.65
CA PRO B 101 -6.37 7.63 -22.82
C PRO B 101 -5.36 8.75 -22.59
N SER B 102 -5.74 9.97 -22.94
CA SER B 102 -4.79 11.09 -23.00
C SER B 102 -5.25 12.33 -22.26
N ARG B 103 -4.40 12.82 -21.37
CA ARG B 103 -4.59 14.12 -20.74
C ARG B 103 -3.24 14.84 -20.64
N ASN B 104 -3.08 15.94 -21.37
CA ASN B 104 -1.81 16.67 -21.38
C ASN B 104 -0.61 15.79 -21.71
N VAL B 105 -0.53 15.36 -22.96
CA VAL B 105 0.56 14.50 -23.38
C VAL B 105 1.04 14.88 -24.76
N ALA B 106 0.84 16.15 -25.11
CA ALA B 106 1.20 16.65 -26.43
C ALA B 106 2.66 16.37 -26.75
N ASP B 107 3.46 16.13 -25.71
CA ASP B 107 4.89 15.93 -25.87
C ASP B 107 5.26 14.48 -26.17
N THR B 108 4.33 13.56 -25.99
CA THR B 108 4.63 12.14 -26.15
C THR B 108 3.70 11.39 -27.10
N VAL B 109 2.45 11.81 -27.23
CA VAL B 109 1.51 11.11 -28.12
C VAL B 109 2.05 11.00 -29.53
N GLY B 110 2.54 12.11 -30.07
CA GLY B 110 3.11 12.12 -31.41
C GLY B 110 4.08 10.99 -31.64
N GLY B 111 5.02 10.82 -30.72
CA GLY B 111 6.02 9.78 -30.83
C GLY B 111 5.39 8.40 -30.88
N ILE B 112 4.43 8.17 -29.99
CA ILE B 112 3.77 6.87 -29.87
C ILE B 112 3.03 6.55 -31.16
N ILE B 113 2.15 7.44 -31.57
CA ILE B 113 1.44 7.30 -32.83
C ILE B 113 2.41 7.03 -33.96
N ASP B 114 3.51 7.77 -33.99
CA ASP B 114 4.51 7.59 -35.04
C ASP B 114 5.10 6.18 -35.02
N GLU B 115 5.49 5.70 -33.84
CA GLU B 115 6.00 4.34 -33.71
C GLU B 115 5.01 3.29 -34.20
N ILE B 116 3.72 3.47 -33.89
CA ILE B 116 2.69 2.53 -34.30
C ILE B 116 2.58 2.47 -35.82
N HIS B 117 2.56 3.63 -36.45
CA HIS B 117 2.53 3.72 -37.91
C HIS B 117 3.74 3.05 -38.55
N ALA B 118 4.90 3.17 -37.92
CA ALA B 118 6.12 2.58 -38.46
C ALA B 118 6.04 1.06 -38.31
N LEU B 119 5.62 0.61 -37.13
CA LEU B 119 5.37 -0.80 -36.91
C LEU B 119 4.44 -1.39 -37.98
N ASN B 120 3.32 -0.72 -38.24
CA ASN B 120 2.35 -1.22 -39.23
C ASN B 120 2.93 -1.40 -40.63
N GLU B 121 3.89 -0.56 -41.00
CA GLU B 121 4.63 -0.75 -42.25
C GLU B 121 5.31 -2.11 -42.29
N ARG B 122 6.06 -2.42 -41.24
CA ARG B 122 6.70 -3.73 -41.12
C ARG B 122 5.65 -4.83 -41.02
N ALA B 123 4.72 -4.66 -40.09
CA ALA B 123 3.73 -5.67 -39.78
C ALA B 123 2.40 -5.01 -39.42
N PRO B 124 1.37 -5.20 -40.27
CA PRO B 124 0.07 -4.55 -40.06
C PRO B 124 -0.59 -5.13 -38.82
N LEU B 125 -0.62 -4.38 -37.72
CA LEU B 125 -1.07 -4.94 -36.45
C LEU B 125 -2.14 -4.11 -35.74
N ILE B 126 -2.09 -2.79 -35.89
CA ILE B 126 -3.10 -1.92 -35.29
C ILE B 126 -3.97 -1.29 -36.38
N ASP B 127 -5.26 -1.56 -36.36
CA ASP B 127 -6.15 -1.07 -37.42
C ASP B 127 -6.77 0.32 -37.12
N GLN B 128 -6.61 0.80 -35.89
CA GLN B 128 -7.23 2.05 -35.48
C GLN B 128 -6.53 2.59 -34.24
N ILE B 129 -6.20 3.88 -34.26
CA ILE B 129 -5.56 4.51 -33.11
C ILE B 129 -6.49 5.56 -32.49
N LEU B 130 -6.97 5.32 -31.27
CA LEU B 130 -7.88 6.25 -30.62
C LEU B 130 -7.23 7.08 -29.53
N VAL B 131 -7.06 8.38 -29.77
CA VAL B 131 -6.70 9.28 -28.69
C VAL B 131 -7.98 9.81 -28.05
N VAL B 132 -8.28 9.29 -26.86
CA VAL B 132 -9.43 9.75 -26.10
C VAL B 132 -8.91 10.76 -25.10
N ASP B 133 -9.16 12.01 -25.42
CA ASP B 133 -8.47 13.14 -24.80
C ASP B 133 -9.35 13.81 -23.74
N ALA B 134 -8.76 14.09 -22.59
CA ALA B 134 -9.47 14.77 -21.50
C ALA B 134 -9.57 16.28 -21.71
N ASP B 135 -9.70 16.70 -22.97
CA ASP B 135 -9.77 18.12 -23.30
C ASP B 135 -8.55 18.87 -22.73
N SER B 136 -7.36 18.35 -23.02
CA SER B 136 -6.10 18.94 -22.58
C SER B 136 -5.89 20.34 -23.13
N GLU B 137 -5.21 21.17 -22.36
CA GLU B 137 -4.96 22.55 -22.77
C GLU B 137 -3.61 22.70 -23.48
N ASP B 138 -2.85 21.61 -23.55
CA ASP B 138 -1.50 21.67 -24.10
C ASP B 138 -1.49 21.39 -25.61
N GLY B 139 -2.67 21.11 -26.15
CA GLY B 139 -2.77 20.82 -27.57
C GLY B 139 -2.57 19.35 -27.90
N THR B 140 -2.89 18.47 -26.96
CA THR B 140 -2.81 17.04 -27.22
C THR B 140 -3.63 16.68 -28.45
N ALA B 141 -4.87 17.16 -28.48
CA ALA B 141 -5.78 16.86 -29.58
C ALA B 141 -5.16 17.16 -30.95
N GLY B 142 -4.59 18.36 -31.08
CA GLY B 142 -3.99 18.80 -32.33
C GLY B 142 -2.82 17.93 -32.75
N VAL B 143 -1.93 17.63 -31.81
CA VAL B 143 -0.81 16.77 -32.10
C VAL B 143 -1.29 15.42 -32.62
N ALA B 144 -2.22 14.79 -31.91
CA ALA B 144 -2.73 13.48 -32.28
C ALA B 144 -3.36 13.50 -33.67
N ALA B 145 -4.16 14.53 -33.91
CA ALA B 145 -4.81 14.71 -35.21
C ALA B 145 -3.76 14.92 -36.29
N SER B 146 -2.81 15.79 -36.01
CA SER B 146 -1.74 16.07 -36.96
C SER B 146 -0.95 14.80 -37.32
N HIS B 147 -0.78 13.90 -36.35
CA HIS B 147 0.04 12.70 -36.54
C HIS B 147 -0.72 11.50 -37.08
N GLY B 148 -2.01 11.65 -37.35
CA GLY B 148 -2.76 10.62 -38.06
C GLY B 148 -3.76 9.82 -37.25
N ALA B 149 -3.76 10.02 -35.94
CA ALA B 149 -4.64 9.29 -35.04
C ALA B 149 -6.05 9.87 -35.02
N GLU B 150 -7.05 9.03 -34.74
CA GLU B 150 -8.40 9.53 -34.48
C GLU B 150 -8.43 10.14 -33.08
N VAL B 151 -9.18 11.23 -32.93
CA VAL B 151 -9.25 11.93 -31.65
C VAL B 151 -10.67 12.06 -31.13
N TYR B 152 -10.87 11.85 -29.84
CA TYR B 152 -12.19 12.00 -29.24
C TYR B 152 -12.11 12.71 -27.90
N SER B 153 -13.15 13.45 -27.55
CA SER B 153 -13.28 14.03 -26.22
C SER B 153 -13.96 13.07 -25.29
N GLU B 154 -13.35 12.82 -24.15
CA GLU B 154 -13.92 11.90 -23.17
C GLU B 154 -15.29 12.38 -22.74
N ASN B 155 -15.55 13.67 -22.90
CA ASN B 155 -16.82 14.25 -22.46
C ASN B 155 -17.95 14.10 -23.46
N GLU B 156 -17.60 13.95 -24.73
CA GLU B 156 -18.61 13.85 -25.78
C GLU B 156 -19.13 12.43 -26.00
N LEU B 157 -18.29 11.44 -25.72
CA LEU B 157 -18.70 10.03 -25.80
C LEU B 157 -19.65 9.72 -24.63
N MET B 158 -20.64 8.86 -24.87
CA MET B 158 -21.57 8.44 -23.82
C MET B 158 -22.02 9.62 -23.00
N SER B 159 -22.33 10.72 -23.67
CA SER B 159 -22.50 12.00 -22.98
C SER B 159 -23.73 12.02 -22.06
N GLY B 160 -24.60 11.03 -22.21
CA GLY B 160 -25.75 10.92 -21.35
C GLY B 160 -25.34 10.72 -19.90
N TYR B 161 -24.09 10.31 -19.68
CA TYR B 161 -23.56 10.08 -18.33
C TYR B 161 -22.87 11.32 -17.79
N GLY B 162 -23.00 12.43 -18.51
CA GLY B 162 -22.30 13.66 -18.13
C GLY B 162 -20.80 13.65 -18.47
N ASP B 163 -20.10 14.66 -17.99
CA ASP B 163 -18.64 14.72 -18.17
C ASP B 163 -17.95 13.53 -17.51
N ALA B 164 -16.69 13.31 -17.88
CA ALA B 164 -15.97 12.09 -17.51
C ALA B 164 -15.27 12.13 -16.15
N HIS B 165 -15.50 11.09 -15.34
CA HIS B 165 -14.81 10.88 -14.06
C HIS B 165 -13.45 10.20 -14.28
N GLY B 166 -12.45 10.94 -14.79
CA GLY B 166 -11.10 10.41 -14.83
C GLY B 166 -10.80 9.28 -15.82
N LYS B 167 -9.63 8.66 -15.65
CA LYS B 167 -9.09 7.74 -16.64
C LYS B 167 -9.99 6.54 -16.96
N GLY B 168 -10.55 5.90 -15.93
CA GLY B 168 -11.44 4.78 -16.16
C GLY B 168 -12.62 5.12 -17.07
N ASP B 169 -13.27 6.25 -16.77
CA ASP B 169 -14.41 6.73 -17.55
C ASP B 169 -14.01 6.87 -19.01
N ALA B 170 -12.89 7.54 -19.27
CA ALA B 170 -12.38 7.67 -20.64
C ALA B 170 -12.17 6.31 -21.30
N MET B 171 -11.59 5.36 -20.56
CA MET B 171 -11.34 4.03 -21.12
C MET B 171 -12.63 3.27 -21.41
N TRP B 172 -13.61 3.38 -20.52
CA TRP B 172 -14.91 2.78 -20.76
C TRP B 172 -15.60 3.39 -21.99
N ARG B 173 -15.73 4.71 -22.00
CA ARG B 173 -16.37 5.39 -23.10
C ARG B 173 -15.73 5.08 -24.45
N ALA B 174 -14.42 4.82 -24.44
CA ALA B 174 -13.74 4.52 -25.70
C ALA B 174 -14.31 3.26 -26.33
N LEU B 175 -14.93 2.40 -25.53
CA LEU B 175 -15.50 1.16 -26.07
C LEU B 175 -16.62 1.43 -27.06
N SER B 176 -17.14 2.66 -27.08
CA SER B 176 -18.25 2.98 -27.97
C SER B 176 -17.74 3.43 -29.33
N VAL B 177 -16.45 3.71 -29.43
CA VAL B 177 -15.88 4.09 -30.71
C VAL B 177 -14.79 3.15 -31.23
N THR B 178 -14.48 2.11 -30.46
CA THR B 178 -13.50 1.10 -30.88
C THR B 178 -14.17 0.15 -31.85
N ARG B 179 -13.60 0.02 -33.03
CA ARG B 179 -14.15 -0.87 -34.04
C ARG B 179 -13.49 -2.25 -34.06
N GLY B 180 -12.35 -2.40 -33.37
CA GLY B 180 -11.58 -3.61 -33.46
C GLY B 180 -12.22 -4.77 -32.72
N ASP B 181 -11.95 -6.00 -33.17
CA ASP B 181 -12.32 -7.19 -32.41
C ASP B 181 -11.53 -7.25 -31.12
N LEU B 182 -10.29 -6.78 -31.19
CA LEU B 182 -9.44 -6.68 -30.01
C LEU B 182 -9.27 -5.24 -29.62
N VAL B 183 -9.15 -5.00 -28.32
CA VAL B 183 -8.91 -3.65 -27.84
C VAL B 183 -7.64 -3.60 -27.00
N LEU B 184 -6.73 -2.73 -27.40
CA LEU B 184 -5.43 -2.61 -26.77
C LEU B 184 -5.31 -1.23 -26.14
N TYR B 185 -5.28 -1.20 -24.82
CA TYR B 185 -5.08 0.06 -24.10
C TYR B 185 -3.59 0.31 -23.96
N ILE B 186 -3.18 1.56 -24.17
CA ILE B 186 -1.78 1.95 -24.10
C ILE B 186 -1.66 3.30 -23.39
N ASP B 187 -0.66 3.42 -22.54
CA ASP B 187 -0.40 4.68 -21.86
C ASP B 187 0.16 5.69 -22.85
N ALA B 188 -0.38 6.89 -22.83
CA ALA B 188 0.01 7.91 -23.79
C ALA B 188 1.13 8.82 -23.32
N ASP B 189 1.69 8.54 -22.14
CA ASP B 189 2.70 9.42 -21.56
C ASP B 189 4.11 8.82 -21.60
N THR B 190 4.25 7.69 -22.29
CA THR B 190 5.53 7.00 -22.36
C THR B 190 6.56 7.85 -23.12
N ARG B 191 7.73 8.05 -22.51
CA ARG B 191 8.74 8.92 -23.10
C ARG B 191 9.43 8.27 -24.29
N ASP B 192 9.71 6.98 -24.17
CA ASP B 192 10.47 6.26 -25.20
C ASP B 192 9.75 5.01 -25.67
N PHE B 193 8.80 5.20 -26.57
CA PHE B 193 7.90 4.12 -27.01
C PHE B 193 8.56 3.18 -28.01
N ARG B 194 8.98 2.00 -27.55
CA ARG B 194 9.53 0.99 -28.43
C ARG B 194 8.41 0.12 -28.99
N PRO B 195 8.62 -0.43 -30.20
CA PRO B 195 7.60 -1.19 -30.93
C PRO B 195 6.87 -2.19 -30.03
N GLN B 196 7.62 -2.97 -29.26
CA GLN B 196 7.01 -4.07 -28.50
C GLN B 196 5.98 -3.61 -27.46
N LEU B 197 5.94 -2.32 -27.16
CA LEU B 197 4.94 -1.80 -26.23
C LEU B 197 3.56 -1.86 -26.88
N ALA B 198 3.56 -1.79 -28.22
CA ALA B 198 2.35 -1.98 -29.00
C ALA B 198 2.05 -3.46 -29.28
N TYR B 199 3.05 -4.23 -29.69
CA TYR B 199 2.74 -5.58 -30.18
C TYR B 199 2.94 -6.73 -29.20
N GLY B 200 3.85 -6.57 -28.25
CA GLY B 200 4.14 -7.63 -27.29
C GLY B 200 2.92 -8.31 -26.69
N VAL B 201 1.97 -7.53 -26.18
CA VAL B 201 0.82 -8.11 -25.50
C VAL B 201 -0.20 -8.77 -26.45
N LEU B 202 -0.12 -8.44 -27.73
CA LEU B 202 -0.95 -9.07 -28.74
C LEU B 202 -0.56 -10.53 -28.94
N GLY B 203 0.71 -10.84 -28.69
CA GLY B 203 1.21 -12.19 -28.84
C GLY B 203 0.28 -13.30 -28.39
N PRO B 204 0.06 -13.41 -27.07
CA PRO B 204 -0.78 -14.48 -26.51
C PRO B 204 -2.27 -14.45 -26.90
N VAL B 205 -2.86 -13.28 -27.15
CA VAL B 205 -4.28 -13.27 -27.55
C VAL B 205 -4.45 -13.83 -28.93
N LEU B 206 -3.52 -13.47 -29.82
CA LEU B 206 -3.51 -13.98 -31.17
C LEU B 206 -3.08 -15.43 -31.25
N GLU B 207 -2.01 -15.79 -30.53
CA GLU B 207 -1.34 -17.08 -30.78
C GLU B 207 -1.80 -18.22 -29.88
N VAL B 208 -2.39 -17.89 -28.73
CA VAL B 208 -2.85 -18.92 -27.82
C VAL B 208 -4.38 -18.83 -27.73
N PRO B 209 -5.08 -19.75 -28.40
CA PRO B 209 -6.52 -19.65 -28.63
C PRO B 209 -7.29 -19.30 -27.36
N GLY B 210 -7.00 -20.00 -26.26
CA GLY B 210 -7.72 -19.85 -25.00
C GLY B 210 -7.43 -18.59 -24.20
N VAL B 211 -6.42 -17.83 -24.61
CA VAL B 211 -6.05 -16.62 -23.91
C VAL B 211 -6.86 -15.46 -24.45
N ARG B 212 -7.47 -14.70 -23.54
CA ARG B 212 -8.39 -13.63 -23.93
C ARG B 212 -7.92 -12.26 -23.45
N PHE B 213 -6.99 -12.24 -22.52
CA PHE B 213 -6.60 -11.03 -21.83
C PHE B 213 -5.11 -11.09 -21.54
N VAL B 214 -4.38 -10.01 -21.81
CA VAL B 214 -2.94 -9.99 -21.63
C VAL B 214 -2.48 -8.66 -21.02
N LYS B 215 -1.73 -8.75 -19.92
CA LYS B 215 -1.19 -7.58 -19.23
C LYS B 215 0.29 -7.48 -19.57
N ALA B 216 0.82 -6.27 -19.68
CA ALA B 216 2.26 -6.08 -19.87
C ALA B 216 3.03 -6.41 -18.59
N ALA B 217 4.29 -6.77 -18.77
CA ALA B 217 5.24 -6.84 -17.66
C ALA B 217 6.50 -6.14 -18.14
N TYR B 218 7.25 -5.58 -17.20
CA TYR B 218 8.43 -4.83 -17.57
C TYR B 218 9.17 -4.41 -16.33
N ARG B 219 10.28 -3.70 -16.51
CA ARG B 219 11.05 -3.21 -15.38
C ARG B 219 11.63 -1.84 -15.68
N ARG B 220 11.84 -1.06 -14.62
CA ARG B 220 12.49 0.23 -14.71
C ARG B 220 13.95 0.06 -15.13
N PRO B 221 14.57 1.14 -15.59
CA PRO B 221 16.02 1.10 -15.86
C PRO B 221 16.80 1.14 -14.56
N GLU B 229 18.70 -5.29 -9.39
CA GLU B 229 18.24 -6.20 -10.44
C GLU B 229 16.71 -6.23 -10.50
N GLU B 230 16.11 -6.87 -9.50
CA GLU B 230 14.68 -7.19 -9.45
C GLU B 230 13.73 -6.01 -9.26
N ASP B 231 12.69 -5.96 -10.09
CA ASP B 231 11.71 -4.89 -10.03
C ASP B 231 10.28 -5.44 -9.97
N GLY B 232 9.64 -5.23 -8.82
CA GLY B 232 8.30 -5.72 -8.58
C GLY B 232 7.21 -4.69 -8.77
N GLY B 233 7.50 -3.65 -9.54
CA GLY B 233 6.55 -2.61 -9.84
C GLY B 233 6.77 -1.27 -9.16
N GLY B 234 5.87 -0.33 -9.42
CA GLY B 234 5.92 0.97 -8.80
C GLY B 234 5.38 0.90 -7.38
N ARG B 235 5.51 2.00 -6.66
CA ARG B 235 5.11 2.04 -5.28
C ARG B 235 3.68 1.52 -5.01
N VAL B 236 2.69 1.96 -5.79
CA VAL B 236 1.30 1.54 -5.53
C VAL B 236 1.12 0.04 -5.76
N THR B 237 1.74 -0.45 -6.83
CA THR B 237 1.71 -1.86 -7.18
C THR B 237 2.33 -2.73 -6.08
N GLU B 238 3.44 -2.27 -5.51
CA GLU B 238 4.19 -3.05 -4.54
C GLU B 238 3.56 -3.02 -3.15
N LEU B 239 3.08 -1.85 -2.75
CA LEU B 239 2.64 -1.62 -1.39
C LEU B 239 1.12 -1.67 -1.21
N THR B 240 0.38 -1.84 -2.29
CA THR B 240 -1.09 -1.81 -2.23
C THR B 240 -1.71 -2.93 -3.03
N ALA B 241 -1.45 -2.95 -4.33
CA ALA B 241 -2.06 -3.95 -5.19
C ALA B 241 -1.63 -5.37 -4.84
N LYS B 242 -0.32 -5.60 -4.80
CA LYS B 242 0.18 -6.96 -4.56
C LYS B 242 -0.13 -7.49 -3.16
N PRO B 243 0.04 -6.65 -2.12
CA PRO B 243 -0.45 -7.13 -0.81
C PRO B 243 -1.94 -7.50 -0.85
N LEU B 244 -2.78 -6.67 -1.47
CA LEU B 244 -4.22 -6.93 -1.47
C LEU B 244 -4.58 -8.14 -2.31
N PHE B 245 -3.89 -8.30 -3.45
CA PHE B 245 -4.16 -9.45 -4.31
C PHE B 245 -3.76 -10.73 -3.61
N ASN B 246 -2.59 -10.74 -2.99
CA ASN B 246 -2.13 -11.92 -2.29
C ASN B 246 -3.10 -12.43 -1.23
N LEU B 247 -3.81 -11.51 -0.59
CA LEU B 247 -4.71 -11.89 0.49
C LEU B 247 -6.10 -12.27 -0.06
N PHE B 248 -6.66 -11.43 -0.93
CA PHE B 248 -8.05 -11.55 -1.39
C PHE B 248 -8.23 -12.10 -2.81
N TYR B 249 -7.21 -11.97 -3.65
CA TYR B 249 -7.28 -12.54 -5.00
C TYR B 249 -5.97 -13.23 -5.36
N PRO B 250 -5.64 -14.29 -4.62
CA PRO B 250 -4.35 -14.97 -4.78
C PRO B 250 -4.07 -15.35 -6.23
N GLU B 251 -5.13 -15.57 -7.00
CA GLU B 251 -4.94 -15.94 -8.41
C GLU B 251 -4.23 -14.88 -9.22
N LEU B 252 -4.30 -13.63 -8.77
CA LEU B 252 -3.65 -12.53 -9.49
C LEU B 252 -2.23 -12.25 -9.00
N ALA B 253 -1.74 -13.01 -8.03
CA ALA B 253 -0.41 -12.72 -7.45
C ALA B 253 0.78 -12.93 -8.42
N GLY B 254 0.59 -13.73 -9.46
CA GLY B 254 1.65 -13.95 -10.43
C GLY B 254 1.93 -12.82 -11.41
N PHE B 255 1.09 -11.78 -11.40
CA PHE B 255 1.29 -10.66 -12.32
C PHE B 255 2.39 -9.73 -11.84
N VAL B 256 3.33 -9.44 -12.74
CA VAL B 256 4.45 -8.59 -12.38
C VAL B 256 4.06 -7.12 -12.34
N GLN B 257 3.17 -6.70 -13.25
CA GLN B 257 2.65 -5.33 -13.31
C GLN B 257 1.13 -5.34 -13.47
N PRO B 258 0.43 -5.73 -12.41
CA PRO B 258 -1.03 -5.90 -12.48
C PRO B 258 -1.75 -4.57 -12.73
N LEU B 259 -1.10 -3.46 -12.40
CA LEU B 259 -1.65 -2.13 -12.64
C LEU B 259 -1.18 -1.50 -13.95
N ALA B 260 -0.52 -2.30 -14.78
CA ALA B 260 0.03 -1.78 -16.03
C ALA B 260 -1.09 -1.20 -16.88
N GLY B 261 -0.80 -0.08 -17.53
CA GLY B 261 -1.77 0.56 -18.42
C GLY B 261 -1.79 -0.04 -19.82
N GLU B 262 -0.77 -0.83 -20.16
CA GLU B 262 -0.76 -1.55 -21.42
C GLU B 262 -1.36 -2.92 -21.21
N PHE B 263 -2.54 -3.16 -21.80
CA PHE B 263 -3.13 -4.48 -21.80
C PHE B 263 -4.12 -4.62 -22.94
N VAL B 264 -4.48 -5.86 -23.26
CA VAL B 264 -5.38 -6.11 -24.38
C VAL B 264 -6.32 -7.25 -24.06
N ALA B 265 -7.52 -7.16 -24.60
CA ALA B 265 -8.52 -8.20 -24.45
C ALA B 265 -9.46 -8.04 -25.62
N ASP B 266 -10.32 -9.01 -25.88
CA ASP B 266 -11.27 -8.82 -26.97
C ASP B 266 -12.36 -7.80 -26.58
N ARG B 267 -12.90 -7.10 -27.56
CA ARG B 267 -13.87 -6.08 -27.28
C ARG B 267 -15.04 -6.66 -26.46
N GLU B 268 -15.49 -7.86 -26.84
CA GLU B 268 -16.62 -8.48 -26.15
C GLU B 268 -16.37 -8.62 -24.66
N LEU B 269 -15.17 -9.07 -24.28
CA LEU B 269 -14.85 -9.16 -22.85
C LEU B 269 -14.96 -7.82 -22.14
N PHE B 270 -14.30 -6.79 -22.67
CA PHE B 270 -14.38 -5.45 -22.09
C PHE B 270 -15.81 -4.91 -22.05
N CYS B 271 -16.61 -5.24 -23.06
CA CYS B 271 -17.97 -4.74 -23.08
C CYS B 271 -18.88 -5.50 -22.09
N SER B 272 -18.35 -6.52 -21.43
CA SER B 272 -19.21 -7.37 -20.60
C SER B 272 -18.98 -7.18 -19.11
N ILE B 273 -17.96 -6.40 -18.76
CA ILE B 273 -17.67 -6.08 -17.37
C ILE B 273 -17.92 -4.60 -17.13
N PRO B 274 -18.11 -4.22 -15.87
CA PRO B 274 -18.21 -2.80 -15.52
C PRO B 274 -16.81 -2.19 -15.45
N PHE B 275 -16.71 -0.87 -15.44
CA PHE B 275 -15.42 -0.18 -15.36
C PHE B 275 -15.50 0.79 -14.22
N LEU B 276 -14.56 0.72 -13.29
CA LEU B 276 -14.46 1.75 -12.28
C LEU B 276 -13.90 2.98 -12.98
N THR B 277 -14.40 4.15 -12.61
CA THR B 277 -13.85 5.40 -13.14
C THR B 277 -12.58 5.68 -12.37
N GLY B 278 -11.84 6.72 -12.74
CA GLY B 278 -10.65 7.07 -11.98
C GLY B 278 -9.54 6.03 -11.89
N TYR B 279 -8.74 6.14 -10.84
CA TYR B 279 -7.47 5.44 -10.77
C TYR B 279 -7.61 3.95 -10.48
N ALA B 280 -8.79 3.54 -10.04
CA ALA B 280 -9.02 2.14 -9.68
C ALA B 280 -9.32 1.24 -10.88
N VAL B 281 -9.43 1.84 -12.07
CA VAL B 281 -9.90 1.12 -13.24
C VAL B 281 -9.11 -0.15 -13.54
N GLU B 282 -7.78 -0.10 -13.43
CA GLU B 282 -6.97 -1.29 -13.75
C GLU B 282 -7.24 -2.41 -12.75
N THR B 283 -7.36 -2.05 -11.48
CA THR B 283 -7.61 -3.03 -10.41
C THR B 283 -8.92 -3.74 -10.65
N GLY B 284 -9.96 -2.94 -10.91
CA GLY B 284 -11.29 -3.47 -11.21
C GLY B 284 -11.26 -4.41 -12.39
N ILE B 285 -10.56 -4.02 -13.46
CA ILE B 285 -10.55 -4.83 -14.66
C ILE B 285 -9.88 -6.18 -14.38
N MET B 286 -8.73 -6.13 -13.71
CA MET B 286 -8.04 -7.35 -13.29
C MET B 286 -8.99 -8.31 -12.58
N ILE B 287 -9.74 -7.79 -11.63
CA ILE B 287 -10.61 -8.64 -10.83
C ILE B 287 -11.80 -9.16 -11.64
N ASP B 288 -12.41 -8.28 -12.41
CA ASP B 288 -13.63 -8.61 -13.15
C ASP B 288 -13.34 -9.55 -14.33
N VAL B 289 -12.20 -9.34 -14.98
CA VAL B 289 -11.75 -10.28 -15.99
C VAL B 289 -11.48 -11.64 -15.35
N LEU B 290 -10.82 -11.64 -14.21
CA LEU B 290 -10.54 -12.87 -13.50
C LEU B 290 -11.83 -13.67 -13.23
N LYS B 291 -12.83 -12.99 -12.71
CA LYS B 291 -14.11 -13.63 -12.42
C LYS B 291 -14.85 -14.06 -13.68
N LYS B 292 -14.70 -13.29 -14.75
CA LYS B 292 -15.47 -13.52 -15.96
C LYS B 292 -14.91 -14.67 -16.79
N VAL B 293 -13.59 -14.69 -17.02
CA VAL B 293 -13.01 -15.69 -17.91
C VAL B 293 -12.06 -16.71 -17.27
N GLY B 294 -11.69 -16.50 -16.02
CA GLY B 294 -10.83 -17.44 -15.31
C GLY B 294 -9.36 -17.18 -15.56
N LEU B 295 -8.54 -17.53 -14.57
CA LEU B 295 -7.11 -17.20 -14.60
C LEU B 295 -6.40 -17.80 -15.82
N GLY B 296 -6.86 -18.97 -16.24
CA GLY B 296 -6.28 -19.62 -17.41
C GLY B 296 -6.32 -18.79 -18.69
N ALA B 297 -7.29 -17.89 -18.79
CA ALA B 297 -7.49 -17.10 -20.00
C ALA B 297 -6.75 -15.77 -19.96
N MET B 298 -5.97 -15.56 -18.89
CA MET B 298 -5.15 -14.38 -18.75
C MET B 298 -3.66 -14.72 -18.91
N ALA B 299 -2.88 -13.74 -19.34
CA ALA B 299 -1.47 -13.92 -19.61
C ALA B 299 -0.71 -12.61 -19.38
N GLN B 300 0.61 -12.70 -19.26
CA GLN B 300 1.45 -11.50 -19.28
C GLN B 300 2.61 -11.69 -20.23
N VAL B 301 3.19 -10.60 -20.69
CA VAL B 301 4.31 -10.64 -21.61
C VAL B 301 5.38 -9.65 -21.18
N ASP B 302 6.61 -10.15 -21.04
CA ASP B 302 7.75 -9.31 -20.69
C ASP B 302 8.08 -8.44 -21.88
N LEU B 303 7.97 -7.12 -21.71
CA LEU B 303 8.25 -6.17 -22.79
C LEU B 303 9.60 -5.50 -22.64
N GLY B 304 10.37 -5.94 -21.65
CA GLY B 304 11.68 -5.36 -21.41
C GLY B 304 11.64 -4.19 -20.44
N GLU B 305 12.39 -3.14 -20.77
CA GLU B 305 12.51 -1.98 -19.89
C GLU B 305 11.52 -0.88 -20.27
N ARG B 306 10.80 -0.39 -19.28
CA ARG B 306 9.96 0.79 -19.48
C ARG B 306 10.32 1.80 -18.40
N GLN B 307 10.68 3.01 -18.81
CA GLN B 307 10.96 4.05 -17.84
C GLN B 307 9.67 4.45 -17.15
N ASN B 308 9.75 4.79 -15.87
CA ASN B 308 8.56 5.15 -15.12
C ASN B 308 8.59 6.58 -14.60
N ARG B 309 7.40 7.13 -14.35
CA ARG B 309 7.26 8.46 -13.76
C ARG B 309 7.58 8.42 -12.27
N HIS B 310 7.84 9.57 -11.70
CA HIS B 310 8.02 9.69 -10.25
C HIS B 310 6.92 10.56 -9.67
N GLN B 311 5.68 10.06 -9.75
CA GLN B 311 4.57 10.74 -9.13
C GLN B 311 4.93 11.00 -7.66
N HIS B 312 4.39 12.07 -7.06
CA HIS B 312 4.66 12.37 -5.66
C HIS B 312 3.98 11.38 -4.70
N LEU B 313 4.69 10.97 -3.66
CA LEU B 313 4.15 9.98 -2.73
C LEU B 313 2.82 10.44 -2.11
N ARG B 314 2.72 11.75 -1.85
CA ARG B 314 1.52 12.30 -1.23
C ARG B 314 0.30 12.16 -2.17
N ASP B 315 0.55 12.23 -3.48
CA ASP B 315 -0.51 12.01 -4.45
C ASP B 315 -0.84 10.52 -4.58
N LEU B 316 0.19 9.69 -4.53
CA LEU B 316 0.02 8.25 -4.67
C LEU B 316 -0.89 7.70 -3.58
N SER B 317 -0.93 8.37 -2.43
CA SER B 317 -1.75 7.91 -1.33
C SER B 317 -3.23 7.85 -1.76
N ARG B 318 -3.72 8.91 -2.40
CA ARG B 318 -5.10 8.92 -2.90
C ARG B 318 -5.31 7.80 -3.92
N MET B 319 -4.33 7.58 -4.78
CA MET B 319 -4.37 6.47 -5.72
C MET B 319 -4.48 5.12 -5.01
N SER B 320 -3.58 4.86 -4.05
CA SER B 320 -3.69 3.63 -3.24
C SER B 320 -5.09 3.49 -2.65
N TYR B 321 -5.64 4.60 -2.16
CA TYR B 321 -6.99 4.54 -1.61
C TYR B 321 -8.01 4.03 -2.64
N ALA B 322 -7.92 4.54 -3.87
CA ALA B 322 -8.84 4.13 -4.92
C ALA B 322 -8.74 2.63 -5.10
N VAL B 323 -7.51 2.13 -5.17
CA VAL B 323 -7.26 0.70 -5.27
C VAL B 323 -7.93 -0.11 -4.14
N VAL B 324 -7.76 0.37 -2.90
CA VAL B 324 -8.39 -0.26 -1.75
C VAL B 324 -9.90 -0.17 -1.86
N ARG B 325 -10.40 0.99 -2.24
CA ARG B 325 -11.85 1.16 -2.40
C ARG B 325 -12.42 0.16 -3.38
N ALA B 326 -11.68 -0.06 -4.47
CA ALA B 326 -12.10 -0.98 -5.52
C ALA B 326 -12.16 -2.43 -5.05
N VAL B 327 -11.14 -2.86 -4.32
CA VAL B 327 -11.14 -4.20 -3.73
C VAL B 327 -12.28 -4.34 -2.72
N ALA B 328 -12.42 -3.34 -1.86
CA ALA B 328 -13.45 -3.41 -0.82
C ALA B 328 -14.82 -3.60 -1.44
N ARG B 329 -15.12 -2.77 -2.44
CA ARG B 329 -16.36 -2.85 -3.18
C ARG B 329 -16.63 -4.27 -3.70
N ARG B 330 -15.63 -4.84 -4.38
CA ARG B 330 -15.78 -6.19 -4.91
C ARG B 330 -16.03 -7.20 -3.80
N LEU B 331 -15.35 -7.03 -2.67
CA LEU B 331 -15.58 -7.86 -1.49
C LEU B 331 -16.99 -7.69 -0.89
N ARG B 332 -17.52 -6.46 -0.88
CA ARG B 332 -18.94 -6.29 -0.47
C ARG B 332 -19.84 -7.15 -1.36
N GLN B 333 -19.69 -7.00 -2.67
CA GLN B 333 -20.54 -7.71 -3.62
C GLN B 333 -20.46 -9.23 -3.53
N GLU B 334 -19.31 -9.77 -3.15
CA GLU B 334 -19.15 -11.21 -3.06
C GLU B 334 -19.72 -11.74 -1.76
N GLY B 335 -20.04 -10.84 -0.84
CA GLY B 335 -20.43 -11.25 0.50
C GLY B 335 -19.27 -11.46 1.46
N ARG B 336 -18.02 -11.38 0.98
CA ARG B 336 -16.88 -11.55 1.87
C ARG B 336 -16.80 -10.41 2.87
N LEU B 337 -17.18 -9.22 2.41
CA LEU B 337 -17.20 -8.04 3.27
C LEU B 337 -18.65 -7.62 3.56
N GLN B 338 -18.99 -7.44 4.84
CA GLN B 338 -20.29 -6.86 5.19
C GLN B 338 -20.19 -5.85 6.35
N GLN B 339 -21.30 -5.17 6.64
CA GLN B 339 -21.34 -4.09 7.63
C GLN B 339 -20.04 -3.29 7.67
N LEU B 340 -19.56 -2.91 6.48
CA LEU B 340 -18.31 -2.15 6.29
C LEU B 340 -18.05 -1.07 7.34
N ARG B 341 -19.11 -0.37 7.75
CA ARG B 341 -19.04 0.59 8.85
C ARG B 341 -19.05 -0.17 10.16
N GLU B 342 -18.04 0.03 11.00
CA GLU B 342 -18.02 -0.60 12.32
C GLU B 342 -19.34 -0.35 13.04
N PRO B 343 -20.06 -1.44 13.40
CA PRO B 343 -21.35 -1.36 14.11
C PRO B 343 -21.22 -0.63 15.44
N GLY B 344 -21.29 0.70 15.41
CA GLY B 344 -21.13 1.52 16.61
C GLY B 344 -20.33 2.78 16.32
N LEU B 345 -20.07 3.00 15.04
CA LEU B 345 -19.31 4.15 14.59
C LEU B 345 -20.29 5.21 14.06
N PRO B 346 -20.25 6.42 14.65
CA PRO B 346 -21.11 7.52 14.20
C PRO B 346 -20.90 7.85 12.71
N GLU B 347 -21.98 8.24 12.02
CA GLU B 347 -21.93 8.59 10.60
C GLU B 347 -21.01 9.77 10.30
N SER B 348 -20.62 10.50 11.34
CA SER B 348 -19.67 11.60 11.18
C SER B 348 -18.30 11.09 10.73
N PHE B 349 -17.91 9.90 11.18
CA PHE B 349 -16.65 9.28 10.72
C PHE B 349 -16.78 8.51 9.41
N PHE B 350 -18.01 8.34 8.91
CA PHE B 350 -18.23 7.42 7.78
C PHE B 350 -18.58 8.07 6.45
N GLN B 351 -17.58 8.18 5.58
CA GLN B 351 -17.72 8.82 4.28
C GLN B 351 -16.63 8.28 3.34
N LEU B 352 -16.91 7.17 2.67
CA LEU B 352 -15.90 6.49 1.86
C LEU B 352 -15.29 7.38 0.78
N SER B 353 -16.05 8.35 0.30
CA SER B 353 -15.57 9.19 -0.79
C SER B 353 -14.71 10.31 -0.20
N ASP B 354 -14.55 10.27 1.12
CA ASP B 354 -13.84 11.30 1.86
C ASP B 354 -12.56 10.74 2.52
N TYR B 355 -11.44 11.01 1.86
CA TYR B 355 -10.13 10.52 2.28
C TYR B 355 -9.43 11.54 3.16
N LEU B 356 -9.12 11.14 4.39
CA LEU B 356 -8.38 11.98 5.32
C LEU B 356 -6.91 11.65 5.23
N HIS B 357 -6.09 12.63 4.90
CA HIS B 357 -4.67 12.42 4.75
C HIS B 357 -3.94 13.32 5.74
N ALA B 358 -3.48 12.75 6.84
CA ALA B 358 -2.82 13.52 7.88
C ALA B 358 -1.34 13.68 7.56
N VAL B 359 -0.85 14.92 7.59
CA VAL B 359 0.54 15.19 7.22
C VAL B 359 1.25 16.11 8.21
N ALA B 360 2.57 16.01 8.21
CA ALA B 360 3.41 16.89 9.01
C ALA B 360 4.07 17.91 8.09
N THR B 361 3.99 19.19 8.46
CA THR B 361 4.69 20.22 7.69
C THR B 361 5.60 21.05 8.58
N PRO B 362 6.35 21.96 7.97
CA PRO B 362 7.20 22.90 8.70
C PRO B 362 6.36 23.69 9.68
N GLU B 363 5.15 24.04 9.28
CA GLU B 363 4.29 24.91 10.08
C GLU B 363 3.49 24.13 11.13
N GLY B 364 3.57 22.80 11.07
CA GLY B 364 2.88 21.97 12.03
C GLY B 364 2.14 20.82 11.38
N LEU B 365 1.24 20.19 12.13
CA LEU B 365 0.46 19.08 11.58
C LEU B 365 -0.75 19.64 10.83
N LYS B 366 -1.08 19.03 9.69
CA LYS B 366 -2.28 19.40 8.96
C LYS B 366 -3.04 18.16 8.52
N LEU B 367 -4.36 18.25 8.60
CA LEU B 367 -5.22 17.17 8.16
C LEU B 367 -5.79 17.54 6.79
N GLN B 368 -5.22 16.98 5.73
CA GLN B 368 -5.74 17.25 4.40
C GLN B 368 -6.90 16.34 4.16
N GLU B 369 -7.85 16.79 3.34
CA GLU B 369 -9.05 16.03 3.12
C GLU B 369 -9.41 16.05 1.64
N TYR B 370 -9.24 14.93 0.95
CA TYR B 370 -9.55 14.86 -0.47
C TYR B 370 -10.88 14.19 -0.68
N VAL B 371 -11.52 14.48 -1.80
CA VAL B 371 -12.76 13.82 -2.16
C VAL B 371 -12.62 13.25 -3.55
N GLU B 372 -12.93 11.96 -3.66
CA GLU B 372 -13.25 11.39 -4.97
C GLU B 372 -14.21 10.23 -4.79
N GLU B 373 -15.33 10.33 -5.49
CA GLU B 373 -16.35 9.31 -5.46
C GLU B 373 -15.75 8.07 -6.10
N LEU B 374 -16.34 6.91 -5.82
CA LEU B 374 -16.10 5.74 -6.66
C LEU B 374 -17.31 5.58 -7.58
N VAL B 375 -17.10 5.72 -8.88
CA VAL B 375 -18.17 5.51 -9.83
C VAL B 375 -17.94 4.25 -10.64
N GLU B 376 -18.94 3.39 -10.69
CA GLU B 376 -18.88 2.20 -11.51
C GLU B 376 -19.80 2.36 -12.72
N ARG B 377 -19.23 2.43 -13.92
CA ARG B 377 -20.00 2.36 -15.17
C ARG B 377 -20.40 0.90 -15.38
N PRO B 378 -21.63 0.65 -15.82
CA PRO B 378 -22.05 -0.75 -16.05
C PRO B 378 -21.39 -1.31 -17.31
N PRO B 379 -21.50 -2.62 -17.54
CA PRO B 379 -21.02 -3.12 -18.83
C PRO B 379 -21.68 -2.36 -19.99
N ILE B 380 -20.85 -1.89 -20.90
CA ILE B 380 -21.30 -1.10 -22.02
C ILE B 380 -22.37 -1.91 -22.80
N ASN B 381 -22.26 -3.23 -22.73
CA ASN B 381 -23.28 -4.15 -23.23
C ASN B 381 -24.68 -3.84 -22.78
N GLU B 382 -24.83 -3.39 -21.55
CA GLU B 382 -26.15 -3.19 -21.01
C GLU B 382 -26.75 -1.90 -21.51
N VAL B 383 -25.90 -1.00 -22.01
CA VAL B 383 -26.42 0.28 -22.46
C VAL B 383 -26.45 0.41 -23.97
N LEU B 384 -25.81 -0.53 -24.66
CA LEU B 384 -25.52 -0.33 -26.08
C LEU B 384 -25.45 -1.59 -26.93
N ARG B 385 -25.99 -1.50 -28.15
CA ARG B 385 -25.82 -2.51 -29.19
C ARG B 385 -26.78 -3.67 -29.03
CL CL C . -0.26 -17.58 8.91
CL CL D . -5.36 -14.46 9.79
MG MG E . -0.65 -16.88 -0.39
MG MG F . 13.74 2.59 10.66
N2 GDD G . 14.56 -7.12 18.53
C2 GDD G . 14.15 -6.92 17.17
N1 GDD G . 13.80 -7.96 16.40
N3 GDD G . 14.15 -5.65 16.65
C4 GDD G . 13.78 -5.43 15.35
C5 GDD G . 13.42 -6.49 14.55
C6 GDD G . 13.43 -7.80 15.11
O6 GDD G . 13.13 -8.74 14.44
N7 GDD G . 13.12 -5.97 13.32
C8 GDD G . 13.30 -4.59 13.38
N9 GDD G . 13.71 -4.26 14.58
C1' GDD G . 14.00 -2.95 15.08
C2' GDD G . 14.91 -2.17 14.23
O2' GDD G . 16.22 -2.50 14.58
C3' GDD G . 14.52 -0.78 14.51
O3' GDD G . 15.16 -0.31 15.61
C4' GDD G . 13.06 -0.84 14.75
O4' GDD G . 12.78 -2.13 15.20
C5' GDD G . 12.28 -0.35 13.49
O5' GDD G . 12.14 -1.38 12.63
PA GDD G . 12.29 -1.08 11.08
O1A GDD G . 12.57 -2.38 10.29
O2A GDD G . 13.41 -0.08 10.90
O3A GDD G . 10.92 -0.45 10.61
PB GDD G . 10.83 0.78 9.55
O2B GDD G . 11.54 2.03 10.12
O3B GDD G . 11.53 0.36 8.23
O1B GDD G . 9.33 1.10 9.26
C11 GDD G . 8.41 1.59 10.20
O51 GDD G . 7.06 0.99 10.06
C51 GDD G . 6.87 -0.21 10.73
C61 GDD G . 5.42 -0.71 10.62
O6A GDD G . 5.03 -1.34 11.73
C21 GDD G . 8.91 1.61 11.62
O21 GDD G . 8.27 2.73 12.22
C31 GDD G . 8.62 0.44 12.40
O31 GDD G . 8.74 0.73 13.79
C41 GDD G . 7.32 -0.17 12.20
O41 GDD G . 7.33 -1.44 12.84
PB GDP H . 0.26 6.43 -13.67
O1B GDP H . 1.62 5.98 -14.11
O2B GDP H . -0.50 5.24 -13.15
O3B GDP H . 0.36 7.49 -12.59
O3A GDP H . -0.48 7.02 -14.94
PA GDP H . -1.66 8.07 -14.91
O1A GDP H . -1.25 9.40 -14.35
O2A GDP H . -2.86 7.55 -14.16
O5' GDP H . -2.01 8.27 -16.43
C5' GDP H . -1.69 7.24 -17.32
C4' GDP H . -2.28 7.60 -18.66
O4' GDP H . -3.63 7.93 -18.54
C3' GDP H . -1.61 8.79 -19.23
O3' GDP H . -1.48 8.57 -20.58
C2' GDP H . -2.52 9.91 -18.87
O2' GDP H . -2.47 10.98 -19.75
C1' GDP H . -3.84 9.25 -18.90
N9 GDP H . -4.82 9.88 -18.02
C8 GDP H . -4.72 10.12 -16.66
N7 GDP H . -5.86 10.71 -16.18
C5 GDP H . -6.74 10.86 -17.28
C6 GDP H . -8.09 11.40 -17.50
O6 GDP H . -8.78 11.94 -16.44
N1 GDP H . -8.65 11.38 -18.74
C2 GDP H . -7.95 10.84 -19.81
N2 GDP H . -8.55 10.82 -21.10
N3 GDP H . -6.70 10.33 -19.69
C4 GDP H . -6.06 10.32 -18.45
H5' GDP H . -0.71 7.18 -17.40
H5'' GDP H . -2.05 6.40 -17.00
H4' GDP H . -2.17 6.85 -19.26
H3' GDP H . -0.76 8.93 -18.80
HO3' GDP H . -0.71 8.92 -20.86
H2' GDP H . -2.31 10.24 -17.97
HO2' GDP H . -1.88 10.81 -20.38
H1' GDP H . -4.17 9.29 -19.81
H8 GDP H . -3.95 9.90 -16.13
HN1 GDP H . -9.49 11.71 -18.87
HN21 GDP H . -9.42 11.10 -21.20
HN22 GDP H . -8.09 10.53 -21.82
#